data_2LNV
#
_entry.id   2LNV
#
_entity_poly.entity_id   1
_entity_poly.type   'polypeptide(L)'
_entity_poly.pdbx_seq_one_letter_code
;GSHMLEMAGALDASQMSNLPPSTLNLSLTGVMAGDDDSRSIAIISKDNEQFSRGVNEEVPGYNAKIVSIRPDRVVLQYQG
RYEVLGLYSQEDSGSDGVPGAQVR
;
_entity_poly.pdbx_strand_id   A
#
# COMPACT_ATOMS: atom_id res chain seq x y z
N GLY A 1 -30.22 5.73 18.94
CA GLY A 1 -29.17 6.34 19.80
C GLY A 1 -28.61 7.60 19.20
N SER A 2 -28.53 8.65 20.01
CA SER A 2 -28.01 9.93 19.58
C SER A 2 -26.71 10.27 20.30
N HIS A 3 -26.47 9.60 21.41
CA HIS A 3 -25.29 9.87 22.21
C HIS A 3 -24.10 9.03 21.74
N MET A 4 -24.37 8.06 20.88
CA MET A 4 -23.33 7.28 20.25
C MET A 4 -23.38 7.46 18.74
N LEU A 5 -22.38 8.12 18.20
CA LEU A 5 -22.32 8.35 16.76
C LEU A 5 -21.41 7.32 16.12
N GLU A 6 -22.02 6.35 15.45
CA GLU A 6 -21.26 5.32 14.75
C GLU A 6 -21.12 5.70 13.28
N MET A 7 -22.21 5.53 12.54
CA MET A 7 -22.23 5.79 11.10
C MET A 7 -21.15 4.96 10.40
N ALA A 8 -21.41 3.67 10.30
CA ALA A 8 -20.46 2.75 9.68
C ALA A 8 -20.70 2.67 8.18
N GLY A 9 -20.87 3.82 7.55
CA GLY A 9 -21.11 3.86 6.12
C GLY A 9 -22.55 3.60 5.76
N ALA A 10 -22.77 2.50 5.06
CA ALA A 10 -24.10 2.12 4.59
C ALA A 10 -24.05 0.77 3.89
N LEU A 11 -22.95 0.53 3.20
CA LEU A 11 -22.73 -0.73 2.51
C LEU A 11 -21.23 -0.97 2.35
N ASP A 12 -20.85 -2.20 2.06
CA ASP A 12 -19.44 -2.57 1.92
C ASP A 12 -18.88 -2.12 0.59
N ALA A 13 -18.50 -0.85 0.50
CA ALA A 13 -17.87 -0.32 -0.71
C ALA A 13 -16.58 -1.06 -1.04
N SER A 14 -15.87 -1.49 0.00
CA SER A 14 -14.60 -2.18 -0.18
C SER A 14 -14.78 -3.56 -0.81
N GLN A 15 -16.02 -4.06 -0.80
CA GLN A 15 -16.35 -5.33 -1.42
C GLN A 15 -16.06 -5.28 -2.92
N MET A 16 -16.26 -4.11 -3.52
CA MET A 16 -16.04 -3.93 -4.95
C MET A 16 -14.71 -3.21 -5.19
N SER A 17 -13.94 -3.03 -4.12
CA SER A 17 -12.69 -2.31 -4.20
C SER A 17 -11.58 -3.21 -4.74
N ASN A 18 -11.53 -3.34 -6.06
CA ASN A 18 -10.48 -4.11 -6.71
C ASN A 18 -9.39 -3.16 -7.21
N LEU A 19 -9.74 -1.88 -7.27
CA LEU A 19 -8.81 -0.85 -7.72
C LEU A 19 -8.31 -0.07 -6.52
N PRO A 20 -7.00 -0.10 -6.26
CA PRO A 20 -6.41 0.56 -5.09
C PRO A 20 -6.61 2.08 -5.11
N PRO A 21 -7.45 2.59 -4.18
CA PRO A 21 -7.71 4.03 -4.05
C PRO A 21 -6.57 4.76 -3.34
N SER A 22 -6.90 5.66 -2.42
CA SER A 22 -5.92 6.49 -1.75
C SER A 22 -5.02 7.23 -2.76
N THR A 23 -3.82 6.71 -3.01
CA THR A 23 -2.89 7.38 -3.90
C THR A 23 -2.15 6.41 -4.83
N LEU A 24 -1.71 5.27 -4.29
CA LEU A 24 -0.90 4.30 -5.05
C LEU A 24 0.43 4.91 -5.51
N ASN A 25 1.52 4.45 -4.90
CA ASN A 25 2.85 4.99 -5.14
C ASN A 25 3.86 4.14 -4.37
N LEU A 26 5.04 4.69 -4.08
CA LEU A 26 6.09 4.02 -3.27
C LEU A 26 6.34 2.56 -3.62
N SER A 27 7.21 1.94 -2.84
CA SER A 27 7.30 0.51 -2.78
C SER A 27 7.20 0.02 -1.33
N LEU A 28 6.11 -0.65 -1.00
CA LEU A 28 5.95 -1.24 0.32
C LEU A 28 6.68 -2.57 0.31
N THR A 29 8.03 -2.51 0.32
CA THR A 29 8.88 -3.71 0.35
C THR A 29 8.31 -4.85 1.13
N GLY A 30 7.75 -4.56 2.28
CA GLY A 30 7.02 -5.58 2.99
C GLY A 30 6.91 -5.29 4.44
N VAL A 31 5.85 -5.76 5.04
CA VAL A 31 5.66 -5.57 6.43
C VAL A 31 5.96 -6.84 7.19
N MET A 32 6.19 -6.65 8.44
CA MET A 32 6.36 -7.69 9.39
C MET A 32 5.28 -7.54 10.45
N ALA A 33 4.15 -8.18 10.20
CA ALA A 33 2.95 -8.00 11.01
C ALA A 33 3.22 -8.42 12.44
N GLY A 34 2.81 -7.59 13.38
CA GLY A 34 3.13 -7.81 14.78
C GLY A 34 1.90 -8.03 15.59
N ASP A 35 1.50 -9.30 15.71
CA ASP A 35 0.24 -9.70 16.33
C ASP A 35 -0.88 -9.36 15.37
N ASP A 36 -0.87 -8.11 14.97
CA ASP A 36 -1.69 -7.56 13.92
C ASP A 36 -1.37 -6.09 13.82
N ASP A 37 -2.30 -5.25 14.29
CA ASP A 37 -2.11 -3.81 14.39
C ASP A 37 -1.53 -3.45 15.75
N SER A 38 -1.50 -4.46 16.62
CA SER A 38 -1.02 -4.31 18.00
C SER A 38 0.47 -4.07 18.10
N ARG A 39 1.08 -3.77 16.96
CA ARG A 39 2.54 -3.68 16.81
C ARG A 39 2.84 -3.37 15.36
N SER A 40 2.80 -4.43 14.55
CA SER A 40 2.94 -4.36 13.10
C SER A 40 4.14 -3.55 12.60
N ILE A 41 5.11 -4.26 12.05
CA ILE A 41 6.26 -3.64 11.43
C ILE A 41 5.98 -3.50 9.95
N ALA A 42 6.28 -2.34 9.41
CA ALA A 42 6.09 -2.11 7.99
C ALA A 42 7.39 -1.65 7.36
N ILE A 43 8.00 -2.51 6.57
CA ILE A 43 9.28 -2.19 5.99
C ILE A 43 9.01 -1.62 4.62
N ILE A 44 8.89 -0.32 4.54
CA ILE A 44 8.52 0.30 3.31
C ILE A 44 9.70 0.98 2.67
N SER A 45 9.75 0.91 1.36
CA SER A 45 10.83 1.45 0.58
C SER A 45 10.38 2.76 -0.08
N LYS A 46 11.15 3.81 0.14
CA LYS A 46 10.83 5.13 -0.42
C LYS A 46 11.94 5.54 -1.35
N ASP A 47 11.73 5.35 -2.64
CA ASP A 47 12.82 5.42 -3.61
C ASP A 47 13.95 4.51 -3.13
N ASN A 48 13.53 3.49 -2.38
CA ASN A 48 14.39 2.46 -1.81
C ASN A 48 15.15 2.93 -0.57
N GLU A 49 14.48 3.69 0.29
CA GLU A 49 14.95 3.87 1.66
C GLU A 49 13.97 3.18 2.62
N GLN A 50 14.26 1.94 2.91
CA GLN A 50 13.38 1.11 3.74
C GLN A 50 13.28 1.59 5.19
N PHE A 51 12.03 1.78 5.63
CA PHE A 51 11.74 2.20 6.99
C PHE A 51 10.90 1.16 7.72
N SER A 52 10.88 1.24 9.05
CA SER A 52 10.04 0.38 9.87
C SER A 52 8.81 1.13 10.38
N ARG A 53 7.72 0.91 9.68
CA ARG A 53 6.44 1.54 9.92
C ARG A 53 5.46 0.55 10.53
N GLY A 54 4.19 0.84 10.42
CA GLY A 54 3.20 0.03 11.06
C GLY A 54 1.87 0.72 11.10
N VAL A 55 0.93 0.02 11.67
CA VAL A 55 -0.34 0.59 12.04
C VAL A 55 -0.13 1.85 12.88
N ASN A 56 -0.67 2.95 12.38
CA ASN A 56 -0.59 4.25 13.06
C ASN A 56 0.77 4.86 12.84
N GLU A 57 1.39 4.38 11.78
CA GLU A 57 2.56 4.97 11.20
C GLU A 57 2.18 5.42 9.81
N GLU A 58 2.90 6.34 9.23
CA GLU A 58 2.64 6.73 7.85
C GLU A 58 3.81 6.32 6.96
N VAL A 59 3.48 6.03 5.72
CA VAL A 59 4.48 5.57 4.76
C VAL A 59 5.58 6.61 4.59
N PRO A 60 6.80 6.14 4.33
CA PRO A 60 7.95 7.00 4.12
C PRO A 60 7.75 7.97 2.95
N GLY A 61 8.02 9.24 3.19
CA GLY A 61 7.93 10.24 2.15
C GLY A 61 6.59 10.96 2.14
N TYR A 62 5.54 10.21 1.88
CA TYR A 62 4.21 10.80 1.75
C TYR A 62 3.37 10.40 2.94
N ASN A 63 2.45 11.27 3.37
CA ASN A 63 1.65 11.01 4.57
C ASN A 63 0.55 9.98 4.32
N ALA A 64 0.91 8.86 3.73
CA ALA A 64 -0.01 7.75 3.59
C ALA A 64 0.02 6.92 4.86
N LYS A 65 -0.94 7.16 5.74
CA LYS A 65 -0.91 6.56 7.08
C LYS A 65 -1.38 5.13 7.04
N ILE A 66 -0.52 4.23 7.51
CA ILE A 66 -0.82 2.83 7.52
C ILE A 66 -1.79 2.52 8.63
N VAL A 67 -3.06 2.52 8.29
CA VAL A 67 -4.12 2.29 9.24
C VAL A 67 -4.36 0.80 9.35
N SER A 68 -3.74 0.07 8.43
CA SER A 68 -3.86 -1.37 8.38
C SER A 68 -2.67 -1.97 7.65
N ILE A 69 -1.90 -2.76 8.37
CA ILE A 69 -0.73 -3.44 7.82
C ILE A 69 -1.11 -4.78 7.19
N ARG A 70 -0.61 -4.97 5.99
CA ARG A 70 -0.67 -6.23 5.27
C ARG A 70 0.66 -6.38 4.54
N PRO A 71 1.13 -7.63 4.30
CA PRO A 71 2.40 -7.95 3.65
C PRO A 71 3.00 -6.81 2.81
N ASP A 72 2.47 -6.57 1.61
CA ASP A 72 2.81 -5.36 0.85
C ASP A 72 1.54 -4.64 0.48
N ARG A 73 0.61 -4.68 1.41
CA ARG A 73 -0.66 -4.03 1.28
C ARG A 73 -0.98 -3.22 2.52
N VAL A 74 -1.50 -2.05 2.31
CA VAL A 74 -1.77 -1.16 3.40
C VAL A 74 -3.03 -0.35 3.18
N VAL A 75 -3.95 -0.49 4.09
CA VAL A 75 -5.09 0.38 4.14
C VAL A 75 -4.64 1.67 4.80
N LEU A 76 -4.41 2.70 3.99
CA LEU A 76 -3.76 3.90 4.48
C LEU A 76 -4.60 5.14 4.34
N GLN A 77 -4.33 6.05 5.25
CA GLN A 77 -5.03 7.28 5.36
C GLN A 77 -4.21 8.38 4.72
N TYR A 78 -4.63 8.73 3.53
CA TYR A 78 -4.03 9.81 2.79
C TYR A 78 -5.16 10.63 2.17
N GLN A 79 -5.05 11.95 2.26
CA GLN A 79 -6.00 12.86 1.62
C GLN A 79 -7.37 12.82 2.32
N GLY A 80 -7.36 12.58 3.62
CA GLY A 80 -8.62 12.54 4.37
C GLY A 80 -9.34 11.22 4.23
N ARG A 81 -8.75 10.30 3.49
CA ARG A 81 -9.37 9.02 3.23
C ARG A 81 -8.40 7.89 3.53
N TYR A 82 -8.90 6.79 4.05
CA TYR A 82 -8.07 5.64 4.28
C TYR A 82 -8.61 4.47 3.48
N GLU A 83 -7.87 4.14 2.47
CA GLU A 83 -8.26 3.15 1.49
C GLU A 83 -7.19 2.09 1.37
N VAL A 84 -7.30 1.22 0.40
CA VAL A 84 -6.47 0.05 0.33
C VAL A 84 -5.36 0.26 -0.69
N LEU A 85 -4.18 0.56 -0.19
CA LEU A 85 -3.03 0.80 -1.01
C LEU A 85 -1.98 -0.26 -0.86
N GLY A 86 -1.69 -0.94 -1.95
CA GLY A 86 -0.55 -1.82 -1.98
C GLY A 86 0.59 -1.17 -2.73
N LEU A 87 1.00 0.01 -2.25
CA LEU A 87 2.18 0.72 -2.77
C LEU A 87 3.27 -0.27 -3.15
N TYR A 88 3.48 -0.53 -4.43
CA TYR A 88 4.50 -1.50 -4.84
C TYR A 88 5.28 -0.95 -6.02
N SER A 89 6.60 -1.06 -5.97
CA SER A 89 7.44 -0.60 -7.07
C SER A 89 8.77 -1.34 -7.08
N GLN A 90 9.43 -1.29 -8.22
CA GLN A 90 10.79 -1.76 -8.37
C GLN A 90 11.61 -0.70 -9.09
N GLU A 91 10.89 0.32 -9.55
CA GLU A 91 11.49 1.44 -10.25
C GLU A 91 12.17 2.38 -9.27
N ASP A 92 11.81 2.23 -8.00
CA ASP A 92 12.38 3.03 -6.93
C ASP A 92 13.74 2.46 -6.54
N SER A 93 13.80 1.14 -6.42
CA SER A 93 15.03 0.45 -6.08
C SER A 93 16.00 0.51 -7.25
N GLY A 94 15.46 0.46 -8.46
CA GLY A 94 16.27 0.51 -9.66
C GLY A 94 16.47 1.93 -10.15
N SER A 95 17.05 2.77 -9.30
CA SER A 95 17.36 4.14 -9.69
C SER A 95 18.38 4.74 -8.72
N ASP A 96 19.24 5.60 -9.24
CA ASP A 96 20.27 6.24 -8.43
C ASP A 96 19.83 7.64 -8.02
N GLY A 97 18.74 8.08 -8.60
CA GLY A 97 18.20 9.40 -8.29
C GLY A 97 18.62 10.45 -9.29
N VAL A 98 19.18 10.01 -10.41
CA VAL A 98 19.61 10.90 -11.47
C VAL A 98 18.78 10.66 -12.73
N PRO A 99 17.77 11.50 -12.98
CA PRO A 99 16.94 11.38 -14.17
C PRO A 99 17.70 11.77 -15.44
N GLY A 100 18.00 10.79 -16.27
CA GLY A 100 18.72 11.03 -17.50
C GLY A 100 18.57 9.88 -18.46
N ALA A 101 19.39 9.87 -19.51
CA ALA A 101 19.35 8.80 -20.49
C ALA A 101 20.42 7.76 -20.20
N GLN A 102 21.61 8.23 -19.88
CA GLN A 102 22.73 7.34 -19.62
C GLN A 102 23.31 7.55 -18.23
N VAL A 103 22.69 6.94 -17.24
CA VAL A 103 23.23 6.94 -15.89
C VAL A 103 24.39 5.96 -15.81
N ARG A 104 24.23 4.88 -16.56
CA ARG A 104 25.26 3.88 -16.71
C ARG A 104 25.56 3.69 -18.18
N GLY A 1 -26.65 6.80 10.48
CA GLY A 1 -26.89 6.86 9.02
C GLY A 1 -26.26 5.69 8.29
N SER A 2 -26.41 5.65 6.97
CA SER A 2 -25.91 4.52 6.20
C SER A 2 -24.59 4.87 5.51
N HIS A 3 -23.78 5.67 6.19
CA HIS A 3 -22.43 5.95 5.72
C HIS A 3 -21.47 4.96 6.35
N MET A 4 -21.14 3.93 5.60
CA MET A 4 -20.31 2.85 6.11
C MET A 4 -18.88 3.31 6.36
N LEU A 5 -18.37 2.92 7.52
CA LEU A 5 -16.99 3.21 7.89
C LEU A 5 -16.14 1.96 7.75
N GLU A 6 -16.66 1.00 6.99
CA GLU A 6 -15.97 -0.26 6.75
C GLU A 6 -14.74 -0.04 5.89
N MET A 7 -13.68 -0.73 6.24
CA MET A 7 -12.39 -0.55 5.58
C MET A 7 -12.20 -1.56 4.46
N ALA A 8 -13.28 -1.81 3.71
CA ALA A 8 -13.27 -2.78 2.61
C ALA A 8 -12.87 -4.17 3.13
N GLY A 9 -12.30 -5.00 2.27
CA GLY A 9 -11.84 -6.30 2.70
C GLY A 9 -10.42 -6.25 3.24
N ALA A 10 -9.64 -5.29 2.73
CA ALA A 10 -8.23 -5.12 3.10
C ALA A 10 -7.39 -6.27 2.57
N LEU A 11 -7.98 -7.02 1.64
CA LEU A 11 -7.32 -8.14 1.00
C LEU A 11 -8.10 -8.48 -0.27
N ASP A 12 -8.76 -7.46 -0.79
CA ASP A 12 -9.66 -7.58 -1.93
C ASP A 12 -8.90 -7.92 -3.20
N ALA A 13 -7.63 -7.55 -3.23
CA ALA A 13 -6.78 -7.70 -4.42
C ALA A 13 -6.69 -9.16 -4.87
N SER A 14 -6.66 -10.07 -3.92
CA SER A 14 -6.47 -11.48 -4.24
C SER A 14 -7.75 -12.11 -4.77
N GLN A 15 -8.88 -11.40 -4.61
CA GLN A 15 -10.16 -11.94 -5.01
C GLN A 15 -10.45 -11.68 -6.48
N MET A 16 -9.97 -10.55 -6.98
CA MET A 16 -10.30 -10.12 -8.33
C MET A 16 -9.12 -9.39 -8.96
N SER A 17 -9.03 -8.09 -8.70
CA SER A 17 -7.93 -7.29 -9.20
C SER A 17 -7.65 -6.16 -8.21
N ASN A 18 -8.68 -5.38 -7.91
CA ASN A 18 -8.62 -4.30 -6.94
C ASN A 18 -7.57 -3.26 -7.31
N LEU A 19 -7.99 -2.25 -8.07
CA LEU A 19 -7.13 -1.14 -8.39
C LEU A 19 -6.91 -0.29 -7.14
N PRO A 20 -5.65 -0.16 -6.70
CA PRO A 20 -5.29 0.54 -5.45
C PRO A 20 -5.78 2.00 -5.42
N PRO A 21 -6.78 2.27 -4.56
CA PRO A 21 -7.33 3.62 -4.38
C PRO A 21 -6.41 4.48 -3.50
N SER A 22 -6.99 5.29 -2.60
CA SER A 22 -6.22 6.18 -1.76
C SER A 22 -5.29 7.07 -2.60
N THR A 23 -4.00 6.75 -2.68
CA THR A 23 -3.09 7.56 -3.47
C THR A 23 -2.26 6.71 -4.45
N LEU A 24 -1.89 5.48 -4.07
CA LEU A 24 -1.06 4.60 -4.92
C LEU A 24 0.30 5.24 -5.24
N ASN A 25 1.34 4.70 -4.62
CA ASN A 25 2.69 5.25 -4.75
C ASN A 25 3.65 4.34 -3.98
N LEU A 26 4.81 4.87 -3.57
CA LEU A 26 5.76 4.15 -2.70
C LEU A 26 6.19 2.79 -3.28
N SER A 27 7.12 2.15 -2.59
CA SER A 27 7.35 0.73 -2.80
C SER A 27 7.28 0.00 -1.47
N LEU A 28 6.34 -0.91 -1.31
CA LEU A 28 6.32 -1.76 -0.15
C LEU A 28 7.36 -2.83 -0.36
N THR A 29 8.25 -2.97 0.58
CA THR A 29 9.21 -4.03 0.52
C THR A 29 8.63 -5.20 1.26
N GLY A 30 7.87 -4.86 2.31
CA GLY A 30 6.95 -5.79 2.90
C GLY A 30 6.87 -5.55 4.38
N VAL A 31 5.79 -5.91 4.99
CA VAL A 31 5.61 -5.62 6.38
C VAL A 31 5.79 -6.86 7.22
N MET A 32 6.31 -6.62 8.38
CA MET A 32 6.57 -7.63 9.36
C MET A 32 5.53 -7.51 10.46
N ALA A 33 4.45 -8.25 10.30
CA ALA A 33 3.28 -8.14 11.17
C ALA A 33 3.64 -8.43 12.62
N GLY A 34 3.25 -7.52 13.50
CA GLY A 34 3.57 -7.65 14.91
C GLY A 34 2.32 -7.87 15.72
N ASP A 35 2.01 -9.14 15.97
CA ASP A 35 0.72 -9.55 16.54
C ASP A 35 -0.33 -9.42 15.45
N ASP A 36 -0.36 -8.23 14.88
CA ASP A 36 -1.10 -7.90 13.68
C ASP A 36 -0.90 -6.43 13.40
N ASP A 37 -1.79 -5.64 13.96
CA ASP A 37 -1.75 -4.20 13.84
C ASP A 37 -0.95 -3.60 14.99
N SER A 38 -1.14 -4.19 16.17
CA SER A 38 -0.59 -3.67 17.42
C SER A 38 0.90 -3.34 17.33
N ARG A 39 1.70 -4.32 16.94
CA ARG A 39 3.15 -4.18 16.99
C ARG A 39 3.73 -4.35 15.59
N SER A 40 3.00 -3.90 14.61
CA SER A 40 3.31 -4.21 13.23
C SER A 40 4.48 -3.39 12.68
N ILE A 41 5.32 -4.04 11.87
CA ILE A 41 6.52 -3.42 11.33
C ILE A 41 6.49 -3.40 9.80
N ALA A 42 5.84 -2.39 9.27
CA ALA A 42 5.69 -2.21 7.83
C ALA A 42 6.99 -1.72 7.20
N ILE A 43 7.72 -2.62 6.55
CA ILE A 43 8.98 -2.24 5.92
C ILE A 43 8.69 -1.73 4.54
N ILE A 44 8.58 -0.43 4.42
CA ILE A 44 8.32 0.18 3.14
C ILE A 44 9.60 0.77 2.60
N SER A 45 9.75 0.70 1.30
CA SER A 45 10.92 1.22 0.64
C SER A 45 10.55 2.53 -0.08
N LYS A 46 11.22 3.61 0.30
CA LYS A 46 10.89 4.94 -0.20
C LYS A 46 12.13 5.53 -0.84
N ASP A 47 12.13 5.67 -2.17
CA ASP A 47 13.36 5.99 -2.89
C ASP A 47 14.36 4.86 -2.65
N ASN A 48 13.79 3.75 -2.18
CA ASN A 48 14.50 2.55 -1.78
C ASN A 48 15.20 2.75 -0.44
N GLU A 49 14.55 3.53 0.44
CA GLU A 49 14.92 3.53 1.85
C GLU A 49 13.89 2.75 2.64
N GLN A 50 14.23 1.53 2.98
CA GLN A 50 13.35 0.69 3.77
C GLN A 50 13.18 1.21 5.19
N PHE A 51 11.92 1.49 5.53
CA PHE A 51 11.58 2.06 6.81
C PHE A 51 10.64 1.14 7.57
N SER A 52 10.81 1.08 8.89
CA SER A 52 9.94 0.29 9.74
C SER A 52 8.70 1.08 10.17
N ARG A 53 7.65 0.88 9.40
CA ARG A 53 6.35 1.51 9.59
C ARG A 53 5.38 0.51 10.22
N GLY A 54 4.10 0.72 10.06
CA GLY A 54 3.15 -0.13 10.67
C GLY A 54 1.79 0.49 10.73
N VAL A 55 0.92 -0.21 11.39
CA VAL A 55 -0.37 0.31 11.75
C VAL A 55 -0.21 1.58 12.54
N ASN A 56 -0.81 2.64 12.03
CA ASN A 56 -0.83 3.92 12.71
C ASN A 56 0.55 4.54 12.55
N GLU A 57 1.08 4.28 11.38
CA GLU A 57 2.35 4.81 10.93
C GLU A 57 2.15 5.29 9.51
N GLU A 58 2.79 6.36 9.10
CA GLU A 58 2.57 6.87 7.77
C GLU A 58 3.74 6.50 6.88
N VAL A 59 3.39 6.00 5.71
CA VAL A 59 4.38 5.52 4.76
C VAL A 59 5.30 6.66 4.35
N PRO A 60 6.60 6.38 4.21
CA PRO A 60 7.64 7.39 4.08
C PRO A 60 7.50 8.20 2.79
N GLY A 61 7.77 9.49 2.88
CA GLY A 61 7.71 10.35 1.72
C GLY A 61 6.39 11.09 1.67
N TYR A 62 5.32 10.36 1.95
CA TYR A 62 4.00 10.95 2.01
C TYR A 62 3.47 10.88 3.44
N ASN A 63 2.36 11.53 3.72
CA ASN A 63 1.67 11.35 4.98
C ASN A 63 0.55 10.35 4.81
N ALA A 64 0.86 9.24 4.16
CA ALA A 64 -0.12 8.18 3.96
C ALA A 64 -0.12 7.26 5.17
N LYS A 65 -1.08 7.50 6.07
CA LYS A 65 -1.07 6.85 7.37
C LYS A 65 -1.66 5.45 7.28
N ILE A 66 -0.78 4.46 7.33
CA ILE A 66 -1.16 3.06 7.38
C ILE A 66 -2.16 2.83 8.51
N VAL A 67 -3.42 2.89 8.15
CA VAL A 67 -4.51 2.68 9.08
C VAL A 67 -4.74 1.20 9.24
N SER A 68 -3.97 0.43 8.46
CA SER A 68 -4.13 -0.98 8.40
C SER A 68 -2.95 -1.60 7.66
N ILE A 69 -2.21 -2.42 8.37
CA ILE A 69 -1.02 -3.06 7.82
C ILE A 69 -1.32 -4.49 7.33
N ARG A 70 -0.79 -4.81 6.15
CA ARG A 70 -0.83 -6.16 5.60
C ARG A 70 0.51 -6.42 4.90
N PRO A 71 0.91 -7.70 4.72
CA PRO A 71 2.15 -8.12 4.06
C PRO A 71 2.81 -7.06 3.16
N ASP A 72 2.37 -6.90 1.93
CA ASP A 72 2.74 -5.75 1.13
C ASP A 72 1.49 -5.21 0.49
N ARG A 73 0.47 -5.24 1.33
CA ARG A 73 -0.79 -4.59 1.09
C ARG A 73 -1.08 -3.72 2.29
N VAL A 74 -1.58 -2.56 2.05
CA VAL A 74 -1.84 -1.67 3.14
C VAL A 74 -3.18 -0.99 2.99
N VAL A 75 -3.67 -0.50 4.08
CA VAL A 75 -4.76 0.44 4.09
C VAL A 75 -4.23 1.67 4.76
N LEU A 76 -4.18 2.78 4.06
CA LEU A 76 -3.65 3.98 4.65
C LEU A 76 -4.55 5.17 4.39
N GLN A 77 -4.33 6.19 5.19
CA GLN A 77 -5.07 7.40 5.14
C GLN A 77 -4.18 8.50 4.61
N TYR A 78 -4.47 8.90 3.39
CA TYR A 78 -3.73 9.94 2.73
C TYR A 78 -4.72 10.88 2.05
N GLN A 79 -4.42 12.16 2.09
CA GLN A 79 -5.14 13.18 1.31
C GLN A 79 -6.64 13.21 1.62
N GLY A 80 -7.02 12.74 2.79
CA GLY A 80 -8.42 12.77 3.18
C GLY A 80 -9.15 11.47 2.96
N ARG A 81 -8.47 10.47 2.41
CA ARG A 81 -9.09 9.17 2.19
C ARG A 81 -8.23 8.03 2.74
N TYR A 82 -8.89 7.07 3.38
CA TYR A 82 -8.22 5.88 3.87
C TYR A 82 -8.76 4.69 3.11
N GLU A 83 -7.93 4.16 2.26
CA GLU A 83 -8.30 3.05 1.40
C GLU A 83 -7.15 2.08 1.30
N VAL A 84 -7.24 1.11 0.42
CA VAL A 84 -6.31 0.01 0.45
C VAL A 84 -5.16 0.25 -0.52
N LEU A 85 -4.07 0.71 0.03
CA LEU A 85 -2.90 1.02 -0.70
C LEU A 85 -1.85 -0.05 -0.59
N GLY A 86 -1.66 -0.81 -1.65
CA GLY A 86 -0.58 -1.77 -1.67
C GLY A 86 0.59 -1.18 -2.43
N LEU A 87 0.99 0.01 -2.00
CA LEU A 87 2.16 0.72 -2.53
C LEU A 87 3.23 -0.26 -2.99
N TYR A 88 3.52 -0.32 -4.28
CA TYR A 88 4.40 -1.34 -4.82
C TYR A 88 5.39 -0.64 -5.74
N SER A 89 6.50 -1.28 -6.04
CA SER A 89 7.59 -0.64 -6.79
C SER A 89 7.08 0.08 -8.05
N GLN A 90 7.03 1.40 -7.97
CA GLN A 90 6.72 2.25 -9.11
C GLN A 90 7.44 3.59 -8.97
N GLU A 91 8.44 3.59 -8.09
CA GLU A 91 9.30 4.74 -7.86
C GLU A 91 10.68 4.21 -7.51
N ASP A 92 10.67 3.08 -6.83
CA ASP A 92 11.88 2.32 -6.52
C ASP A 92 12.39 1.66 -7.80
N SER A 93 11.45 1.24 -8.63
CA SER A 93 11.78 0.57 -9.87
C SER A 93 10.77 0.96 -10.95
N GLY A 94 11.25 1.03 -12.18
CA GLY A 94 10.39 1.29 -13.31
C GLY A 94 10.57 0.23 -14.39
N SER A 95 9.51 -0.50 -14.69
CA SER A 95 9.60 -1.61 -15.63
C SER A 95 8.53 -1.50 -16.71
N ASP A 96 8.60 -2.39 -17.70
CA ASP A 96 7.69 -2.37 -18.85
C ASP A 96 6.22 -2.37 -18.40
N GLY A 97 5.87 -3.31 -17.54
CA GLY A 97 4.53 -3.34 -16.98
C GLY A 97 3.71 -4.52 -17.45
N VAL A 98 4.37 -5.49 -18.08
CA VAL A 98 3.71 -6.70 -18.51
C VAL A 98 4.28 -7.91 -17.76
N PRO A 99 3.46 -8.58 -16.96
CA PRO A 99 3.87 -9.74 -16.16
C PRO A 99 4.01 -10.99 -17.03
N GLY A 100 4.98 -11.83 -16.67
CA GLY A 100 5.19 -13.07 -17.39
C GLY A 100 4.68 -14.27 -16.62
N ALA A 101 3.80 -14.01 -15.65
CA ALA A 101 3.22 -15.05 -14.82
C ALA A 101 1.73 -14.80 -14.61
N GLN A 102 0.94 -15.19 -15.59
CA GLN A 102 -0.51 -15.02 -15.54
C GLN A 102 -1.18 -16.40 -15.62
N VAL A 103 -2.00 -16.61 -16.65
CA VAL A 103 -2.45 -17.96 -16.98
C VAL A 103 -1.27 -18.77 -17.48
N ARG A 104 -0.25 -18.03 -17.91
CA ARG A 104 1.04 -18.58 -18.25
C ARG A 104 2.12 -17.78 -17.53
N GLY A 1 -12.01 -14.31 18.88
CA GLY A 1 -13.02 -13.23 18.69
C GLY A 1 -12.64 -12.32 17.55
N SER A 2 -13.13 -12.62 16.36
CA SER A 2 -12.78 -11.86 15.18
C SER A 2 -14.04 -11.43 14.43
N HIS A 3 -14.57 -10.27 14.78
CA HIS A 3 -15.73 -9.73 14.11
C HIS A 3 -15.30 -8.96 12.86
N MET A 4 -14.57 -9.65 11.99
CA MET A 4 -14.04 -9.02 10.77
C MET A 4 -15.10 -9.01 9.68
N LEU A 5 -16.13 -8.20 9.90
CA LEU A 5 -17.27 -8.13 9.02
C LEU A 5 -16.92 -7.38 7.73
N GLU A 6 -16.00 -6.44 7.87
CA GLU A 6 -15.56 -5.61 6.75
C GLU A 6 -14.80 -6.42 5.71
N MET A 7 -14.41 -7.63 6.06
CA MET A 7 -13.65 -8.50 5.16
C MET A 7 -14.17 -9.93 5.23
N ALA A 8 -15.47 -10.08 5.02
CA ALA A 8 -16.08 -11.40 5.06
C ALA A 8 -16.05 -12.06 3.69
N GLY A 9 -15.51 -11.35 2.71
CA GLY A 9 -15.45 -11.87 1.36
C GLY A 9 -16.79 -11.77 0.66
N ALA A 10 -17.27 -10.56 0.46
CA ALA A 10 -18.57 -10.34 -0.16
C ALA A 10 -18.43 -9.54 -1.44
N LEU A 11 -18.71 -10.20 -2.57
CA LEU A 11 -18.61 -9.58 -3.90
C LEU A 11 -17.20 -9.06 -4.17
N ASP A 12 -16.21 -9.72 -3.54
CA ASP A 12 -14.81 -9.27 -3.52
C ASP A 12 -14.19 -9.78 -2.23
N ALA A 13 -13.06 -9.24 -1.85
CA ALA A 13 -12.54 -9.45 -0.53
C ALA A 13 -13.06 -8.31 0.35
N SER A 14 -12.65 -7.10 -0.03
CA SER A 14 -13.05 -5.90 0.66
C SER A 14 -14.19 -5.16 -0.08
N GLN A 15 -13.88 -4.68 -1.29
CA GLN A 15 -14.73 -3.68 -1.93
C GLN A 15 -15.65 -4.25 -3.02
N MET A 16 -15.09 -4.65 -4.17
CA MET A 16 -15.90 -5.19 -5.26
C MET A 16 -15.05 -5.81 -6.36
N SER A 17 -13.87 -5.25 -6.63
CA SER A 17 -13.02 -5.76 -7.71
C SER A 17 -11.55 -5.45 -7.46
N ASN A 18 -11.08 -5.76 -6.25
CA ASN A 18 -9.68 -5.53 -5.86
C ASN A 18 -9.20 -4.13 -6.26
N LEU A 19 -9.99 -3.12 -5.92
CA LEU A 19 -9.67 -1.75 -6.29
C LEU A 19 -8.53 -1.21 -5.45
N PRO A 20 -7.47 -0.69 -6.09
CA PRO A 20 -6.37 -0.01 -5.43
C PRO A 20 -6.53 1.51 -5.46
N PRO A 21 -7.18 2.08 -4.44
CA PRO A 21 -7.44 3.51 -4.34
C PRO A 21 -6.32 4.25 -3.60
N SER A 22 -6.68 5.21 -2.73
CA SER A 22 -5.74 6.06 -2.04
C SER A 22 -4.82 6.83 -3.00
N THR A 23 -3.71 6.22 -3.41
CA THR A 23 -2.76 6.92 -4.27
C THR A 23 -1.82 5.95 -5.00
N LEU A 24 -1.29 4.95 -4.29
CA LEU A 24 -0.33 3.95 -4.85
C LEU A 24 0.86 4.61 -5.57
N ASN A 25 2.06 4.47 -5.00
CA ASN A 25 3.25 5.11 -5.56
C ASN A 25 4.54 4.58 -4.94
N LEU A 26 4.65 4.68 -3.62
CA LEU A 26 5.80 4.15 -2.87
C LEU A 26 6.02 2.69 -3.17
N SER A 27 7.07 2.12 -2.62
CA SER A 27 7.23 0.70 -2.69
C SER A 27 7.21 0.07 -1.31
N LEU A 28 6.15 -0.65 -1.02
CA LEU A 28 6.09 -1.46 0.18
C LEU A 28 6.99 -2.65 -0.05
N THR A 29 8.04 -2.75 0.74
CA THR A 29 8.98 -3.83 0.54
C THR A 29 8.44 -5.06 1.22
N GLY A 30 7.79 -4.84 2.35
CA GLY A 30 7.06 -5.88 3.00
C GLY A 30 6.67 -5.47 4.39
N VAL A 31 5.83 -6.24 5.02
CA VAL A 31 5.32 -5.88 6.32
C VAL A 31 5.46 -7.04 7.29
N MET A 32 6.09 -6.74 8.39
CA MET A 32 6.25 -7.68 9.45
C MET A 32 5.10 -7.54 10.42
N ALA A 33 4.03 -8.28 10.17
CA ALA A 33 2.82 -8.17 10.96
C ALA A 33 3.10 -8.61 12.39
N GLY A 34 2.86 -7.71 13.34
CA GLY A 34 3.25 -7.96 14.71
C GLY A 34 2.05 -8.08 15.58
N ASP A 35 1.68 -9.32 15.89
CA ASP A 35 0.41 -9.63 16.57
C ASP A 35 -0.69 -9.45 15.54
N ASP A 36 -0.81 -8.22 15.12
CA ASP A 36 -1.61 -7.79 14.01
C ASP A 36 -1.25 -6.36 13.74
N ASP A 37 -1.99 -5.47 14.38
CA ASP A 37 -1.79 -4.04 14.28
C ASP A 37 -0.87 -3.52 15.38
N SER A 38 -0.89 -4.18 16.53
CA SER A 38 -0.17 -3.70 17.70
C SER A 38 1.35 -3.59 17.48
N ARG A 39 2.00 -4.69 17.09
CA ARG A 39 3.46 -4.73 17.05
C ARG A 39 3.94 -4.82 15.62
N SER A 40 3.14 -4.27 14.72
CA SER A 40 3.37 -4.41 13.30
C SER A 40 4.54 -3.56 12.81
N ILE A 41 5.37 -4.18 11.97
CA ILE A 41 6.57 -3.56 11.45
C ILE A 41 6.52 -3.47 9.93
N ALA A 42 5.96 -2.39 9.47
CA ALA A 42 5.80 -2.16 8.04
C ALA A 42 7.10 -1.70 7.40
N ILE A 43 7.78 -2.62 6.75
CA ILE A 43 9.06 -2.31 6.13
C ILE A 43 8.82 -1.75 4.75
N ILE A 44 8.74 -0.44 4.66
CA ILE A 44 8.42 0.18 3.40
C ILE A 44 9.65 0.84 2.84
N SER A 45 9.64 1.08 1.55
CA SER A 45 10.75 1.71 0.91
C SER A 45 10.28 2.94 0.14
N LYS A 46 11.03 4.01 0.28
CA LYS A 46 10.69 5.30 -0.33
C LYS A 46 11.81 5.70 -1.28
N ASP A 47 11.53 5.62 -2.58
CA ASP A 47 12.58 5.71 -3.59
C ASP A 47 13.58 4.58 -3.33
N ASN A 48 13.07 3.58 -2.60
CA ASN A 48 13.82 2.42 -2.16
C ASN A 48 14.66 2.74 -0.91
N GLU A 49 14.14 3.57 0.00
CA GLU A 49 14.73 3.70 1.33
C GLU A 49 13.83 3.01 2.36
N GLN A 50 14.22 1.81 2.76
CA GLN A 50 13.45 1.00 3.69
C GLN A 50 13.37 1.59 5.10
N PHE A 51 12.16 1.55 5.65
CA PHE A 51 11.90 2.03 6.99
C PHE A 51 10.87 1.15 7.70
N SER A 52 11.02 0.99 9.01
CA SER A 52 10.12 0.18 9.80
C SER A 52 8.92 1.00 10.30
N ARG A 53 7.80 0.78 9.63
CA ARG A 53 6.55 1.47 9.90
C ARG A 53 5.55 0.54 10.57
N GLY A 54 4.27 0.87 10.49
CA GLY A 54 3.29 0.12 11.17
C GLY A 54 1.95 0.76 11.02
N VAL A 55 0.96 0.07 11.49
CA VAL A 55 -0.34 0.66 11.73
C VAL A 55 -0.17 1.94 12.51
N ASN A 56 -0.83 2.98 12.06
CA ASN A 56 -0.82 4.24 12.79
C ASN A 56 0.55 4.90 12.65
N GLU A 57 1.24 4.44 11.62
CA GLU A 57 2.43 5.08 11.11
C GLU A 57 2.15 5.43 9.67
N GLU A 58 2.85 6.37 9.11
CA GLU A 58 2.64 6.72 7.70
C GLU A 58 3.76 6.16 6.86
N VAL A 59 3.48 5.98 5.59
CA VAL A 59 4.47 5.49 4.67
C VAL A 59 5.59 6.51 4.52
N PRO A 60 6.82 6.03 4.35
CA PRO A 60 7.99 6.89 4.18
C PRO A 60 7.79 7.91 3.07
N GLY A 61 8.08 9.16 3.35
CA GLY A 61 8.00 10.20 2.33
C GLY A 61 6.70 10.97 2.34
N TYR A 62 5.60 10.25 2.16
CA TYR A 62 4.29 10.89 2.02
C TYR A 62 3.39 10.55 3.20
N ASN A 63 2.43 11.43 3.52
CA ASN A 63 1.50 11.18 4.63
C ASN A 63 0.45 10.12 4.30
N ALA A 64 0.87 9.03 3.70
CA ALA A 64 0.00 7.88 3.52
C ALA A 64 0.01 7.05 4.80
N LYS A 65 -0.92 7.36 5.71
CA LYS A 65 -0.87 6.77 7.05
C LYS A 65 -1.44 5.38 7.03
N ILE A 66 -0.62 4.43 7.43
CA ILE A 66 -0.97 3.02 7.42
C ILE A 66 -2.02 2.76 8.48
N VAL A 67 -3.28 2.78 8.06
CA VAL A 67 -4.38 2.57 9.00
C VAL A 67 -4.66 1.08 9.10
N SER A 68 -3.95 0.33 8.29
CA SER A 68 -4.09 -1.11 8.28
C SER A 68 -2.88 -1.70 7.60
N ILE A 69 -2.12 -2.44 8.36
CA ILE A 69 -0.89 -3.04 7.88
C ILE A 69 -1.16 -4.42 7.26
N ARG A 70 -0.60 -4.66 6.08
CA ARG A 70 -0.69 -5.95 5.41
C ARG A 70 0.65 -6.22 4.75
N PRO A 71 0.96 -7.49 4.44
CA PRO A 71 2.17 -7.92 3.73
C PRO A 71 2.84 -6.82 2.89
N ASP A 72 2.32 -6.54 1.71
CA ASP A 72 2.76 -5.37 0.96
C ASP A 72 1.54 -4.58 0.55
N ARG A 73 0.62 -4.52 1.49
CA ARG A 73 -0.63 -3.81 1.31
C ARG A 73 -0.94 -3.03 2.56
N VAL A 74 -1.51 -1.87 2.38
CA VAL A 74 -1.80 -0.99 3.48
C VAL A 74 -3.05 -0.15 3.23
N VAL A 75 -4.04 -0.31 4.09
CA VAL A 75 -5.24 0.51 4.02
C VAL A 75 -4.95 1.87 4.66
N LEU A 76 -4.07 2.61 4.00
CA LEU A 76 -3.61 3.87 4.52
C LEU A 76 -4.55 5.00 4.22
N GLN A 77 -4.28 6.12 4.89
CA GLN A 77 -5.07 7.30 4.72
C GLN A 77 -4.18 8.33 4.06
N TYR A 78 -4.66 8.82 2.96
CA TYR A 78 -4.01 9.87 2.25
C TYR A 78 -5.11 10.72 1.65
N GLN A 79 -4.93 12.04 1.66
CA GLN A 79 -5.89 12.94 1.05
C GLN A 79 -7.20 12.93 1.83
N GLY A 80 -7.10 12.65 3.13
CA GLY A 80 -8.28 12.55 3.98
C GLY A 80 -9.04 11.24 3.83
N ARG A 81 -8.45 10.28 3.11
CA ARG A 81 -9.15 9.03 2.79
C ARG A 81 -8.26 7.84 3.07
N TYR A 82 -8.82 6.78 3.62
CA TYR A 82 -8.05 5.60 3.90
C TYR A 82 -8.60 4.43 3.13
N GLU A 83 -7.82 3.99 2.18
CA GLU A 83 -8.21 2.92 1.30
C GLU A 83 -7.05 1.96 1.17
N VAL A 84 -7.18 0.96 0.34
CA VAL A 84 -6.26 -0.16 0.42
C VAL A 84 -5.15 0.02 -0.59
N LEU A 85 -4.02 0.50 -0.10
CA LEU A 85 -2.90 0.78 -0.94
C LEU A 85 -1.80 -0.25 -0.84
N GLY A 86 -1.51 -0.87 -1.95
CA GLY A 86 -0.33 -1.69 -2.03
C GLY A 86 0.76 -0.98 -2.80
N LEU A 87 1.09 0.24 -2.34
CA LEU A 87 2.20 1.03 -2.90
C LEU A 87 3.34 0.12 -3.30
N TYR A 88 3.56 -0.10 -4.59
CA TYR A 88 4.67 -0.91 -5.06
C TYR A 88 5.30 -0.13 -6.21
N SER A 89 6.59 0.20 -6.11
CA SER A 89 7.22 1.05 -7.11
C SER A 89 7.19 0.41 -8.50
N GLN A 90 6.79 1.20 -9.47
CA GLN A 90 6.64 0.74 -10.85
C GLN A 90 7.99 0.48 -11.49
N GLU A 91 7.95 0.05 -12.74
CA GLU A 91 9.16 -0.25 -13.49
C GLU A 91 9.78 1.03 -14.04
N ASP A 92 10.99 1.33 -13.61
CA ASP A 92 11.69 2.53 -14.05
C ASP A 92 12.14 2.39 -15.49
N SER A 93 12.18 1.15 -15.96
CA SER A 93 12.55 0.87 -17.34
C SER A 93 11.36 1.03 -18.28
N GLY A 94 10.16 0.82 -17.75
CA GLY A 94 8.96 0.91 -18.55
C GLY A 94 8.16 2.16 -18.25
N SER A 95 8.85 3.18 -17.75
CA SER A 95 8.22 4.44 -17.42
C SER A 95 9.26 5.55 -17.45
N ASP A 96 8.82 6.77 -17.75
CA ASP A 96 9.70 7.93 -17.77
C ASP A 96 9.72 8.60 -16.41
N GLY A 97 8.99 8.03 -15.46
CA GLY A 97 8.92 8.59 -14.13
C GLY A 97 7.77 9.56 -13.97
N VAL A 98 7.29 10.07 -15.09
CA VAL A 98 6.18 11.00 -15.09
C VAL A 98 4.97 10.37 -15.78
N PRO A 99 3.78 10.43 -15.14
CA PRO A 99 2.55 9.92 -15.74
C PRO A 99 2.18 10.68 -17.00
N GLY A 100 2.32 10.01 -18.14
CA GLY A 100 2.02 10.63 -19.42
C GLY A 100 2.31 9.69 -20.56
N ALA A 101 2.10 10.18 -21.78
CA ALA A 101 2.31 9.39 -22.99
C ALA A 101 1.41 8.14 -22.98
N GLN A 102 1.80 7.14 -23.76
CA GLN A 102 1.09 5.86 -23.81
C GLN A 102 -0.36 6.07 -24.24
N VAL A 103 -0.55 6.81 -25.32
CA VAL A 103 -1.87 7.01 -25.90
C VAL A 103 -2.12 5.92 -26.93
N ARG A 104 -1.02 5.40 -27.49
CA ARG A 104 -1.08 4.28 -28.40
C ARG A 104 -0.25 3.15 -27.85
N GLY A 1 12.73 -9.77 -31.48
CA GLY A 1 14.17 -9.44 -31.47
C GLY A 1 14.41 -7.96 -31.22
N SER A 2 15.65 -7.61 -30.91
CA SER A 2 15.98 -6.23 -30.58
C SER A 2 16.26 -5.42 -31.84
N HIS A 3 16.18 -6.07 -32.99
CA HIS A 3 16.34 -5.37 -34.27
C HIS A 3 15.00 -4.79 -34.73
N MET A 4 13.93 -5.27 -34.11
CA MET A 4 12.58 -4.85 -34.49
C MET A 4 11.77 -4.49 -33.26
N LEU A 5 11.60 -3.20 -33.02
CA LEU A 5 10.74 -2.75 -31.93
C LEU A 5 9.28 -2.99 -32.32
N GLU A 6 8.68 -4.00 -31.71
CA GLU A 6 7.32 -4.39 -32.05
C GLU A 6 6.31 -3.72 -31.14
N MET A 7 5.45 -2.90 -31.72
CA MET A 7 4.38 -2.25 -30.97
C MET A 7 3.19 -3.20 -30.84
N ALA A 8 3.36 -4.24 -30.06
CA ALA A 8 2.33 -5.26 -29.90
C ALA A 8 1.27 -4.84 -28.87
N GLY A 9 0.90 -3.57 -28.90
CA GLY A 9 -0.10 -3.08 -27.98
C GLY A 9 -0.15 -1.57 -27.95
N ALA A 10 -0.91 -1.04 -27.01
CA ALA A 10 -1.08 0.40 -26.85
C ALA A 10 -1.67 0.70 -25.48
N LEU A 11 -2.93 0.35 -25.31
CA LEU A 11 -3.59 0.42 -24.01
C LEU A 11 -4.15 -0.95 -23.69
N ASP A 12 -3.38 -1.74 -22.97
CA ASP A 12 -3.72 -3.13 -22.74
C ASP A 12 -4.26 -3.34 -21.34
N ALA A 13 -5.39 -4.03 -21.27
CA ALA A 13 -6.08 -4.29 -20.01
C ALA A 13 -5.30 -5.28 -19.16
N SER A 14 -4.30 -5.91 -19.79
CA SER A 14 -3.42 -6.85 -19.11
C SER A 14 -2.59 -6.17 -18.03
N GLN A 15 -2.61 -4.83 -18.01
CA GLN A 15 -1.88 -4.06 -17.02
C GLN A 15 -2.30 -4.45 -15.61
N MET A 16 -3.60 -4.67 -15.41
CA MET A 16 -4.16 -5.02 -14.11
C MET A 16 -4.01 -3.86 -13.13
N SER A 17 -4.16 -4.16 -11.84
CA SER A 17 -4.03 -3.16 -10.77
C SER A 17 -5.15 -2.11 -10.86
N ASN A 18 -6.26 -2.49 -11.44
CA ASN A 18 -7.39 -1.58 -11.63
C ASN A 18 -8.36 -1.68 -10.45
N LEU A 19 -7.93 -1.22 -9.28
CA LEU A 19 -8.76 -1.30 -8.08
C LEU A 19 -8.28 -0.34 -6.98
N PRO A 20 -7.00 -0.42 -6.55
CA PRO A 20 -6.49 0.37 -5.41
C PRO A 20 -6.67 1.88 -5.57
N PRO A 21 -7.52 2.49 -4.72
CA PRO A 21 -7.70 3.95 -4.67
C PRO A 21 -6.56 4.62 -3.91
N SER A 22 -6.88 5.54 -2.99
CA SER A 22 -5.87 6.25 -2.22
C SER A 22 -4.79 6.87 -3.14
N THR A 23 -3.52 6.77 -2.74
CA THR A 23 -2.44 7.41 -3.48
C THR A 23 -1.76 6.45 -4.48
N LEU A 24 -1.59 5.19 -4.09
CA LEU A 24 -0.97 4.16 -4.97
C LEU A 24 0.35 4.63 -5.59
N ASN A 25 1.39 4.79 -4.76
CA ASN A 25 2.71 5.21 -5.25
C ASN A 25 3.77 5.18 -4.15
N LEU A 26 4.57 4.11 -4.16
CA LEU A 26 5.73 3.89 -3.28
C LEU A 26 6.05 2.43 -3.41
N SER A 27 6.88 1.90 -2.54
CA SER A 27 7.12 0.48 -2.52
C SER A 27 7.01 -0.06 -1.11
N LEU A 28 5.91 -0.73 -0.81
CA LEU A 28 5.71 -1.30 0.50
C LEU A 28 6.42 -2.65 0.51
N THR A 29 7.76 -2.61 0.57
CA THR A 29 8.58 -3.82 0.61
C THR A 29 7.97 -4.93 1.41
N GLY A 30 7.50 -4.60 2.58
CA GLY A 30 6.75 -5.56 3.33
C GLY A 30 6.66 -5.21 4.77
N VAL A 31 5.62 -5.64 5.42
CA VAL A 31 5.46 -5.35 6.81
C VAL A 31 5.78 -6.58 7.63
N MET A 32 6.39 -6.33 8.76
CA MET A 32 6.63 -7.36 9.72
C MET A 32 5.44 -7.38 10.66
N ALA A 33 4.41 -8.11 10.29
CA ALA A 33 3.17 -8.15 11.05
C ALA A 33 3.42 -8.79 12.42
N GLY A 34 3.18 -8.02 13.47
CA GLY A 34 3.53 -8.45 14.80
C GLY A 34 2.33 -8.67 15.65
N ASP A 35 1.98 -9.94 15.83
CA ASP A 35 0.76 -10.35 16.49
C ASP A 35 -0.40 -10.04 15.56
N ASP A 36 -0.63 -8.77 15.40
CA ASP A 36 -1.54 -8.24 14.41
C ASP A 36 -1.03 -6.87 13.98
N ASP A 37 -1.80 -5.86 14.35
CA ASP A 37 -1.45 -4.47 14.09
C ASP A 37 -0.66 -3.92 15.27
N SER A 38 -0.66 -4.65 16.38
CA SER A 38 -0.03 -4.22 17.61
C SER A 38 1.49 -4.07 17.47
N ARG A 39 2.18 -5.14 17.11
CA ARG A 39 3.63 -5.13 17.08
C ARG A 39 4.15 -5.16 15.65
N SER A 40 3.37 -4.60 14.73
CA SER A 40 3.67 -4.75 13.33
C SER A 40 4.67 -3.70 12.84
N ILE A 41 5.57 -4.13 11.97
CA ILE A 41 6.65 -3.28 11.49
C ILE A 41 6.60 -3.15 9.98
N ALA A 42 5.85 -2.17 9.54
CA ALA A 42 5.64 -1.92 8.13
C ALA A 42 6.91 -1.42 7.45
N ILE A 43 7.63 -2.34 6.79
CA ILE A 43 8.90 -1.99 6.17
C ILE A 43 8.61 -1.47 4.78
N ILE A 44 8.43 -0.19 4.70
CA ILE A 44 8.12 0.44 3.44
C ILE A 44 9.34 1.12 2.88
N SER A 45 9.59 0.88 1.61
CA SER A 45 10.72 1.47 0.95
C SER A 45 10.24 2.69 0.15
N LYS A 46 10.99 3.77 0.26
CA LYS A 46 10.70 5.01 -0.45
C LYS A 46 11.90 5.36 -1.29
N ASP A 47 11.75 5.27 -2.61
CA ASP A 47 12.90 5.30 -3.50
C ASP A 47 13.77 4.11 -3.15
N ASN A 48 13.12 3.13 -2.52
CA ASN A 48 13.74 1.89 -2.05
C ASN A 48 14.53 2.14 -0.77
N GLU A 49 14.04 3.06 0.07
CA GLU A 49 14.57 3.25 1.41
C GLU A 49 13.64 2.59 2.42
N GLN A 50 13.99 1.37 2.80
CA GLN A 50 13.18 0.58 3.71
C GLN A 50 13.11 1.15 5.12
N PHE A 51 11.93 1.68 5.45
CA PHE A 51 11.66 2.25 6.76
C PHE A 51 10.67 1.37 7.55
N SER A 52 10.91 1.25 8.85
CA SER A 52 10.08 0.42 9.71
C SER A 52 8.89 1.19 10.30
N ARG A 53 7.76 1.07 9.62
CA ARG A 53 6.50 1.65 10.03
C ARG A 53 5.69 0.65 10.88
N GLY A 54 4.39 0.85 10.98
CA GLY A 54 3.61 0.11 11.93
C GLY A 54 2.28 0.74 12.17
N VAL A 55 1.25 0.11 11.60
CA VAL A 55 -0.14 0.58 11.63
C VAL A 55 -0.36 1.73 12.58
N ASN A 56 -0.78 2.86 12.00
CA ASN A 56 -0.79 4.16 12.68
C ASN A 56 0.55 4.82 12.48
N GLU A 57 1.15 4.44 11.36
CA GLU A 57 2.36 5.04 10.84
C GLU A 57 2.09 5.49 9.43
N GLU A 58 2.71 6.57 9.00
CA GLU A 58 2.54 7.06 7.66
C GLU A 58 3.77 6.72 6.84
N VAL A 59 3.53 6.33 5.60
CA VAL A 59 4.59 5.92 4.70
C VAL A 59 5.63 7.02 4.52
N PRO A 60 6.87 6.63 4.18
CA PRO A 60 7.99 7.57 4.06
C PRO A 60 7.85 8.50 2.87
N GLY A 61 7.79 9.79 3.15
CA GLY A 61 7.69 10.78 2.10
C GLY A 61 6.27 11.26 1.88
N TYR A 62 5.35 10.32 1.71
CA TYR A 62 3.94 10.62 1.50
C TYR A 62 3.20 10.33 2.79
N ASN A 63 2.34 11.23 3.27
CA ASN A 63 1.69 11.02 4.57
C ASN A 63 0.52 10.04 4.44
N ALA A 64 0.81 8.89 3.86
CA ALA A 64 -0.17 7.84 3.75
C ALA A 64 -0.16 7.03 5.03
N LYS A 65 -1.15 7.27 5.88
CA LYS A 65 -1.17 6.71 7.22
C LYS A 65 -1.70 5.30 7.18
N ILE A 66 -0.81 4.35 7.38
CA ILE A 66 -1.16 2.93 7.46
C ILE A 66 -2.21 2.73 8.54
N VAL A 67 -3.47 2.72 8.13
CA VAL A 67 -4.60 2.57 9.04
C VAL A 67 -4.86 1.09 9.22
N SER A 68 -4.12 0.30 8.45
CA SER A 68 -4.24 -1.14 8.45
C SER A 68 -3.01 -1.73 7.78
N ILE A 69 -2.27 -2.51 8.54
CA ILE A 69 -1.00 -3.06 8.09
C ILE A 69 -1.17 -4.44 7.44
N ARG A 70 -0.63 -4.60 6.24
CA ARG A 70 -0.55 -5.89 5.57
C ARG A 70 0.79 -5.97 4.84
N PRO A 71 1.23 -7.20 4.50
CA PRO A 71 2.48 -7.50 3.79
C PRO A 71 3.00 -6.38 2.88
N ASP A 72 2.52 -6.33 1.67
CA ASP A 72 2.87 -5.24 0.76
C ASP A 72 1.61 -4.58 0.28
N ARG A 73 0.54 -4.88 0.97
CA ARG A 73 -0.69 -4.19 0.82
C ARG A 73 -1.01 -3.47 2.11
N VAL A 74 -1.56 -2.30 2.00
CA VAL A 74 -1.94 -1.58 3.18
C VAL A 74 -3.30 -0.92 3.00
N VAL A 75 -3.82 -0.40 4.08
CA VAL A 75 -5.00 0.43 4.06
C VAL A 75 -4.59 1.74 4.68
N LEU A 76 -4.28 2.73 3.86
CA LEU A 76 -3.69 3.94 4.40
C LEU A 76 -4.51 5.17 4.13
N GLN A 77 -4.25 6.16 4.95
CA GLN A 77 -4.96 7.41 4.91
C GLN A 77 -4.03 8.46 4.33
N TYR A 78 -4.30 8.76 3.08
CA TYR A 78 -3.58 9.79 2.38
C TYR A 78 -4.62 10.73 1.77
N GLN A 79 -4.31 12.02 1.72
CA GLN A 79 -5.14 13.01 0.99
C GLN A 79 -6.58 13.06 1.53
N GLY A 80 -6.76 12.76 2.81
CA GLY A 80 -8.08 12.83 3.40
C GLY A 80 -8.90 11.59 3.16
N ARG A 81 -8.30 10.57 2.55
CA ARG A 81 -9.00 9.33 2.28
C ARG A 81 -8.16 8.13 2.68
N TYR A 82 -8.79 7.15 3.29
CA TYR A 82 -8.09 5.94 3.66
C TYR A 82 -8.68 4.78 2.90
N GLU A 83 -7.88 4.26 2.03
CA GLU A 83 -8.28 3.22 1.11
C GLU A 83 -7.28 2.08 1.18
N VAL A 84 -7.38 1.14 0.26
CA VAL A 84 -6.51 -0.02 0.31
C VAL A 84 -5.38 0.20 -0.65
N LEU A 85 -4.27 0.59 -0.08
CA LEU A 85 -3.14 1.00 -0.82
C LEU A 85 -1.94 0.12 -0.55
N GLY A 86 -1.61 -0.72 -1.49
CA GLY A 86 -0.41 -1.52 -1.38
C GLY A 86 0.66 -1.00 -2.31
N LEU A 87 1.21 0.17 -1.96
CA LEU A 87 2.28 0.83 -2.74
C LEU A 87 3.26 -0.20 -3.30
N TYR A 88 3.45 -0.19 -4.61
CA TYR A 88 4.02 -1.34 -5.31
C TYR A 88 5.14 -0.88 -6.24
N SER A 89 6.17 -1.70 -6.41
CA SER A 89 7.31 -1.35 -7.24
C SER A 89 7.06 -1.73 -8.70
N GLN A 90 7.50 -0.83 -9.60
CA GLN A 90 7.54 -1.12 -11.04
C GLN A 90 6.13 -1.30 -11.62
N GLU A 91 6.06 -2.01 -12.76
CA GLU A 91 4.80 -2.22 -13.49
C GLU A 91 4.31 -0.94 -14.15
N ASP A 92 3.96 0.04 -13.32
CA ASP A 92 3.48 1.34 -13.80
C ASP A 92 4.68 2.22 -14.16
N SER A 93 5.84 1.80 -13.73
CA SER A 93 7.08 2.53 -13.97
C SER A 93 8.12 1.58 -14.55
N GLY A 94 8.91 2.08 -15.50
CA GLY A 94 9.91 1.25 -16.15
C GLY A 94 10.96 2.08 -16.85
N SER A 95 12.00 1.44 -17.36
CA SER A 95 13.06 2.15 -18.05
C SER A 95 13.25 1.54 -19.44
N ASP A 96 12.16 1.09 -20.03
CA ASP A 96 12.18 0.52 -21.37
C ASP A 96 11.75 1.57 -22.39
N GLY A 97 11.96 2.84 -22.05
CA GLY A 97 11.55 3.92 -22.92
C GLY A 97 10.36 4.67 -22.37
N VAL A 98 10.07 4.48 -21.08
CA VAL A 98 8.97 5.15 -20.42
C VAL A 98 9.34 6.58 -20.06
N PRO A 99 8.58 7.56 -20.56
CA PRO A 99 8.85 8.98 -20.34
C PRO A 99 8.66 9.39 -18.87
N GLY A 100 9.76 9.71 -18.21
CA GLY A 100 9.70 10.17 -16.84
C GLY A 100 10.21 11.58 -16.70
N ALA A 101 10.06 12.16 -15.51
CA ALA A 101 10.47 13.55 -15.27
C ALA A 101 11.94 13.65 -14.94
N GLN A 102 12.66 12.56 -15.15
CA GLN A 102 14.10 12.53 -14.92
C GLN A 102 14.75 11.66 -15.98
N VAL A 103 14.96 12.24 -17.16
CA VAL A 103 15.50 11.52 -18.30
C VAL A 103 16.96 11.14 -18.10
N ARG A 104 17.68 11.94 -17.31
CA ARG A 104 19.08 11.67 -17.04
C ARG A 104 19.24 11.00 -15.69
N GLY A 1 -17.57 -14.12 10.53
CA GLY A 1 -16.19 -13.57 10.49
C GLY A 1 -15.48 -13.91 9.20
N SER A 2 -14.16 -14.09 9.29
CA SER A 2 -13.32 -14.31 8.13
C SER A 2 -13.49 -15.72 7.55
N HIS A 3 -13.44 -16.73 8.40
CA HIS A 3 -13.51 -18.11 7.94
C HIS A 3 -14.94 -18.61 7.87
N MET A 4 -15.48 -18.61 6.67
CA MET A 4 -16.77 -19.24 6.39
C MET A 4 -16.59 -20.22 5.24
N LEU A 5 -16.08 -21.41 5.57
CA LEU A 5 -15.69 -22.37 4.56
C LEU A 5 -16.88 -23.20 4.07
N GLU A 6 -18.07 -22.62 4.20
CA GLU A 6 -19.28 -23.26 3.69
C GLU A 6 -19.23 -23.34 2.18
N MET A 7 -18.53 -22.36 1.59
CA MET A 7 -18.31 -22.27 0.15
C MET A 7 -19.61 -22.03 -0.58
N ALA A 8 -20.42 -21.14 -0.03
CA ALA A 8 -21.70 -20.79 -0.64
C ALA A 8 -21.51 -19.74 -1.72
N GLY A 9 -20.34 -19.11 -1.72
CA GLY A 9 -20.06 -18.07 -2.69
C GLY A 9 -20.11 -16.70 -2.06
N ALA A 10 -20.74 -15.76 -2.76
CA ALA A 10 -20.91 -14.39 -2.27
C ALA A 10 -19.57 -13.77 -1.89
N LEU A 11 -18.59 -13.86 -2.79
CA LEU A 11 -17.26 -13.32 -2.54
C LEU A 11 -17.22 -11.82 -2.82
N ASP A 12 -16.83 -11.45 -4.03
CA ASP A 12 -16.82 -10.05 -4.43
C ASP A 12 -17.15 -9.91 -5.91
N ALA A 13 -17.66 -10.99 -6.49
CA ALA A 13 -17.97 -11.04 -7.93
C ALA A 13 -18.90 -9.90 -8.36
N SER A 14 -19.86 -9.58 -7.50
CA SER A 14 -20.84 -8.55 -7.83
C SER A 14 -20.41 -7.18 -7.29
N GLN A 15 -19.83 -7.17 -6.10
CA GLN A 15 -19.44 -5.93 -5.43
C GLN A 15 -18.21 -5.32 -6.09
N MET A 16 -17.36 -6.18 -6.65
CA MET A 16 -16.11 -5.80 -7.26
C MET A 16 -15.10 -5.36 -6.21
N SER A 17 -13.96 -6.04 -6.19
CA SER A 17 -12.94 -5.78 -5.19
C SER A 17 -12.25 -4.44 -5.48
N ASN A 18 -12.37 -3.99 -6.74
CA ASN A 18 -11.77 -2.73 -7.18
C ASN A 18 -10.25 -2.83 -7.20
N LEU A 19 -9.61 -1.69 -7.37
CA LEU A 19 -8.16 -1.61 -7.38
C LEU A 19 -7.69 -0.63 -6.31
N PRO A 20 -6.44 -0.77 -5.84
CA PRO A 20 -5.88 0.07 -4.76
C PRO A 20 -6.11 1.57 -4.97
N PRO A 21 -7.01 2.17 -4.15
CA PRO A 21 -7.27 3.60 -4.16
C PRO A 21 -6.19 4.37 -3.42
N SER A 22 -6.57 5.29 -2.53
CA SER A 22 -5.63 6.15 -1.81
C SER A 22 -4.74 6.95 -2.77
N THR A 23 -3.65 6.36 -3.26
CA THR A 23 -2.75 7.08 -4.14
C THR A 23 -1.85 6.15 -4.95
N LEU A 24 -1.33 5.08 -4.31
CA LEU A 24 -0.49 4.08 -5.00
C LEU A 24 0.74 4.73 -5.67
N ASN A 25 1.90 4.64 -5.02
CA ASN A 25 3.10 5.33 -5.50
C ASN A 25 4.40 4.76 -4.95
N LEU A 26 4.55 4.81 -3.62
CA LEU A 26 5.75 4.29 -2.92
C LEU A 26 5.99 2.83 -3.24
N SER A 27 7.02 2.28 -2.62
CA SER A 27 7.21 0.86 -2.68
C SER A 27 7.13 0.26 -1.28
N LEU A 28 6.20 -0.64 -1.09
CA LEU A 28 6.23 -1.49 0.08
C LEU A 28 7.27 -2.54 -0.17
N THR A 29 8.15 -2.75 0.78
CA THR A 29 9.11 -3.81 0.63
C THR A 29 8.49 -5.02 1.27
N GLY A 30 7.71 -4.74 2.31
CA GLY A 30 6.74 -5.68 2.79
C GLY A 30 6.45 -5.41 4.23
N VAL A 31 5.42 -6.02 4.75
CA VAL A 31 5.02 -5.73 6.09
C VAL A 31 5.20 -6.94 6.98
N MET A 32 5.82 -6.67 8.10
CA MET A 32 6.06 -7.67 9.12
C MET A 32 5.07 -7.45 10.25
N ALA A 33 3.90 -8.03 10.11
CA ALA A 33 2.81 -7.84 11.06
C ALA A 33 3.22 -8.34 12.43
N GLY A 34 3.00 -7.51 13.43
CA GLY A 34 3.41 -7.86 14.77
C GLY A 34 2.20 -8.20 15.59
N ASP A 35 1.82 -9.48 15.53
CA ASP A 35 0.55 -9.97 16.05
C ASP A 35 -0.55 -9.56 15.12
N ASP A 36 -0.58 -8.26 14.88
CA ASP A 36 -1.52 -7.63 13.99
C ASP A 36 -1.21 -6.14 13.99
N ASP A 37 -2.22 -5.34 14.31
CA ASP A 37 -2.05 -3.90 14.53
C ASP A 37 -1.51 -3.64 15.93
N SER A 38 -1.44 -4.72 16.71
CA SER A 38 -1.04 -4.64 18.10
C SER A 38 0.38 -4.08 18.17
N ARG A 39 1.21 -4.56 17.27
CA ARG A 39 2.57 -4.14 17.18
C ARG A 39 2.89 -3.66 15.76
N SER A 40 2.84 -4.62 14.83
CA SER A 40 3.01 -4.40 13.39
C SER A 40 4.27 -3.65 12.95
N ILE A 41 4.99 -4.27 12.02
CA ILE A 41 6.15 -3.67 11.37
C ILE A 41 5.87 -3.49 9.89
N ALA A 42 6.12 -2.31 9.39
CA ALA A 42 5.88 -2.04 7.97
C ALA A 42 7.14 -1.60 7.27
N ILE A 43 7.78 -2.54 6.59
CA ILE A 43 9.00 -2.26 5.85
C ILE A 43 8.63 -1.62 4.52
N ILE A 44 8.63 -0.32 4.49
CA ILE A 44 8.35 0.38 3.27
C ILE A 44 9.61 0.96 2.69
N SER A 45 9.70 0.93 1.38
CA SER A 45 10.85 1.43 0.68
C SER A 45 10.45 2.66 -0.14
N LYS A 46 11.19 3.72 0.01
CA LYS A 46 10.84 5.01 -0.57
C LYS A 46 11.98 5.50 -1.42
N ASP A 47 11.85 5.33 -2.73
CA ASP A 47 12.99 5.45 -3.64
C ASP A 47 14.07 4.49 -3.16
N ASN A 48 13.61 3.49 -2.41
CA ASN A 48 14.45 2.44 -1.82
C ASN A 48 15.20 2.95 -0.56
N GLU A 49 14.52 3.72 0.27
CA GLU A 49 14.97 3.92 1.65
C GLU A 49 14.02 3.18 2.58
N GLN A 50 14.36 1.92 2.84
CA GLN A 50 13.52 1.03 3.62
C GLN A 50 13.39 1.44 5.08
N PHE A 51 12.14 1.61 5.50
CA PHE A 51 11.83 2.04 6.85
C PHE A 51 10.80 1.11 7.49
N SER A 52 10.90 0.96 8.81
CA SER A 52 9.98 0.12 9.56
C SER A 52 8.85 0.94 10.19
N ARG A 53 7.68 0.84 9.60
CA ARG A 53 6.47 1.48 10.08
C ARG A 53 5.65 0.51 10.94
N GLY A 54 4.38 0.82 11.17
CA GLY A 54 3.62 0.04 12.11
C GLY A 54 2.33 0.69 12.56
N VAL A 55 1.22 0.09 12.12
CA VAL A 55 -0.17 0.59 12.34
C VAL A 55 -0.24 1.95 13.02
N ASN A 56 -0.75 2.93 12.29
CA ASN A 56 -0.82 4.31 12.74
C ASN A 56 0.52 5.00 12.55
N GLU A 57 1.18 4.61 11.46
CA GLU A 57 2.37 5.28 10.96
C GLU A 57 2.14 5.61 9.51
N GLU A 58 2.75 6.66 9.01
CA GLU A 58 2.59 7.01 7.61
C GLU A 58 3.79 6.57 6.82
N VAL A 59 3.57 6.25 5.56
CA VAL A 59 4.62 5.80 4.69
C VAL A 59 5.70 6.89 4.53
N PRO A 60 6.94 6.46 4.27
CA PRO A 60 8.06 7.38 4.09
C PRO A 60 7.88 8.29 2.87
N GLY A 61 8.03 9.59 3.09
CA GLY A 61 7.90 10.55 2.01
C GLY A 61 6.55 11.22 1.97
N TYR A 62 5.53 10.43 1.73
CA TYR A 62 4.17 10.93 1.65
C TYR A 62 3.39 10.43 2.85
N ASN A 63 2.53 11.26 3.43
CA ASN A 63 1.84 10.87 4.66
C ASN A 63 0.66 9.94 4.38
N ALA A 64 0.96 8.83 3.72
CA ALA A 64 0.00 7.75 3.57
C ALA A 64 -0.02 6.94 4.86
N LYS A 65 -0.98 7.23 5.73
CA LYS A 65 -0.97 6.70 7.08
C LYS A 65 -1.51 5.28 7.12
N ILE A 66 -0.64 4.36 7.47
CA ILE A 66 -0.95 2.95 7.53
C ILE A 66 -1.95 2.70 8.65
N VAL A 67 -3.21 2.68 8.27
CA VAL A 67 -4.29 2.47 9.21
C VAL A 67 -4.51 0.98 9.35
N SER A 68 -3.80 0.23 8.52
CA SER A 68 -3.91 -1.20 8.48
C SER A 68 -2.64 -1.78 7.90
N ILE A 69 -1.94 -2.55 8.70
CA ILE A 69 -0.75 -3.24 8.26
C ILE A 69 -1.08 -4.63 7.73
N ARG A 70 -0.63 -4.88 6.52
CA ARG A 70 -0.75 -6.15 5.86
C ARG A 70 0.51 -6.40 5.07
N PRO A 71 0.93 -7.67 4.91
CA PRO A 71 2.18 -8.00 4.21
C PRO A 71 2.27 -7.43 2.79
N ASP A 72 2.65 -6.14 2.70
CA ASP A 72 2.98 -5.42 1.46
C ASP A 72 1.73 -5.08 0.70
N ARG A 73 0.68 -4.97 1.48
CA ARG A 73 -0.50 -4.23 1.13
C ARG A 73 -0.94 -3.50 2.37
N VAL A 74 -1.57 -2.39 2.19
CA VAL A 74 -1.92 -1.55 3.32
C VAL A 74 -3.29 -0.93 3.16
N VAL A 75 -3.79 -0.42 4.25
CA VAL A 75 -4.98 0.39 4.25
C VAL A 75 -4.59 1.71 4.87
N LEU A 76 -4.36 2.71 4.05
CA LEU A 76 -3.74 3.92 4.53
C LEU A 76 -4.58 5.16 4.29
N GLN A 77 -4.29 6.13 5.11
CA GLN A 77 -5.00 7.37 5.16
C GLN A 77 -4.18 8.44 4.49
N TYR A 78 -4.59 8.77 3.29
CA TYR A 78 -4.00 9.82 2.52
C TYR A 78 -5.12 10.63 1.89
N GLN A 79 -5.00 11.96 1.94
CA GLN A 79 -5.96 12.85 1.30
C GLN A 79 -7.32 12.78 2.00
N GLY A 80 -7.29 12.58 3.32
CA GLY A 80 -8.53 12.48 4.08
C GLY A 80 -9.28 11.20 3.81
N ARG A 81 -8.63 10.26 3.14
CA ARG A 81 -9.23 8.99 2.80
C ARG A 81 -8.32 7.84 3.20
N TYR A 82 -8.89 6.79 3.77
CA TYR A 82 -8.10 5.63 4.08
C TYR A 82 -8.63 4.43 3.32
N GLU A 83 -7.85 4.04 2.35
CA GLU A 83 -8.21 2.98 1.43
C GLU A 83 -7.08 1.97 1.36
N VAL A 84 -7.15 1.04 0.44
CA VAL A 84 -6.19 -0.05 0.41
C VAL A 84 -5.09 0.27 -0.58
N LEU A 85 -3.93 0.63 -0.07
CA LEU A 85 -2.80 0.91 -0.88
C LEU A 85 -1.75 -0.16 -0.79
N GLY A 86 -1.43 -0.75 -1.93
CA GLY A 86 -0.27 -1.58 -2.03
C GLY A 86 0.80 -0.89 -2.84
N LEU A 87 1.21 0.30 -2.37
CA LEU A 87 2.34 1.05 -2.95
C LEU A 87 3.41 0.07 -3.41
N TYR A 88 3.60 -0.08 -4.71
CA TYR A 88 4.48 -1.10 -5.24
C TYR A 88 5.36 -0.49 -6.33
N SER A 89 6.58 -0.14 -5.99
CA SER A 89 7.44 0.55 -6.93
C SER A 89 8.65 -0.32 -7.28
N GLN A 90 9.06 -0.27 -8.54
CA GLN A 90 10.18 -1.07 -9.00
C GLN A 90 11.08 -0.22 -9.90
N GLU A 91 12.25 -0.76 -10.21
CA GLU A 91 13.21 -0.04 -11.02
C GLU A 91 13.37 -0.76 -12.36
N ASP A 92 14.11 -1.86 -12.34
CA ASP A 92 14.40 -2.61 -13.55
C ASP A 92 13.67 -3.93 -13.57
N SER A 93 13.36 -4.43 -12.37
CA SER A 93 12.60 -5.67 -12.18
C SER A 93 13.31 -6.85 -12.84
N GLY A 94 14.63 -6.75 -12.95
CA GLY A 94 15.42 -7.78 -13.60
C GLY A 94 15.37 -7.67 -15.11
N SER A 95 14.17 -7.82 -15.66
CA SER A 95 13.97 -7.71 -17.10
C SER A 95 12.58 -7.14 -17.39
N ASP A 96 12.55 -5.87 -17.78
CA ASP A 96 11.29 -5.19 -18.08
C ASP A 96 10.77 -5.61 -19.45
N GLY A 97 11.64 -6.10 -20.30
CA GLY A 97 11.25 -6.45 -21.64
C GLY A 97 11.89 -5.52 -22.67
N VAL A 98 12.26 -4.33 -22.21
CA VAL A 98 12.97 -3.39 -23.07
C VAL A 98 14.44 -3.79 -23.21
N PRO A 99 14.89 -4.08 -24.44
CA PRO A 99 16.28 -4.47 -24.69
C PRO A 99 17.20 -3.27 -24.82
N GLY A 100 18.32 -3.32 -24.11
CA GLY A 100 19.29 -2.24 -24.17
C GLY A 100 20.41 -2.56 -25.14
N ALA A 101 21.03 -1.51 -25.67
CA ALA A 101 22.10 -1.68 -26.65
C ALA A 101 23.44 -1.85 -25.94
N GLN A 102 23.52 -2.87 -25.08
CA GLN A 102 24.72 -3.15 -24.34
C GLN A 102 25.67 -3.99 -25.19
N VAL A 103 26.57 -3.33 -25.88
CA VAL A 103 27.50 -3.99 -26.78
C VAL A 103 28.95 -3.74 -26.34
N ARG A 104 29.74 -4.81 -26.34
CA ARG A 104 31.15 -4.69 -25.99
C ARG A 104 32.02 -5.29 -27.09
N GLY A 1 -19.82 -25.13 -2.48
CA GLY A 1 -19.20 -24.13 -3.38
C GLY A 1 -20.21 -23.13 -3.88
N SER A 2 -21.13 -23.60 -4.70
CA SER A 2 -22.19 -22.76 -5.22
C SER A 2 -23.33 -22.66 -4.22
N HIS A 3 -23.32 -21.61 -3.42
CA HIS A 3 -24.38 -21.35 -2.46
C HIS A 3 -25.49 -20.58 -3.14
N MET A 4 -25.09 -19.54 -3.87
CA MET A 4 -25.98 -18.73 -4.67
C MET A 4 -25.18 -17.71 -5.46
N LEU A 5 -25.39 -17.69 -6.78
CA LEU A 5 -24.66 -16.81 -7.69
C LEU A 5 -23.21 -17.25 -7.83
N GLU A 6 -22.83 -17.67 -9.04
CA GLU A 6 -21.48 -18.11 -9.32
C GLU A 6 -20.53 -16.92 -9.44
N MET A 7 -21.10 -15.73 -9.31
CA MET A 7 -20.37 -14.47 -9.44
C MET A 7 -19.21 -14.39 -8.44
N ALA A 8 -19.36 -15.08 -7.31
CA ALA A 8 -18.34 -15.09 -6.27
C ALA A 8 -17.07 -15.79 -6.74
N GLY A 9 -17.20 -16.60 -7.78
CA GLY A 9 -16.06 -17.31 -8.32
C GLY A 9 -15.48 -16.60 -9.53
N ALA A 10 -14.69 -15.57 -9.26
CA ALA A 10 -14.02 -14.82 -10.32
C ALA A 10 -12.56 -15.24 -10.43
N LEU A 11 -12.27 -16.14 -11.36
CA LEU A 11 -10.95 -16.73 -11.50
C LEU A 11 -9.96 -15.78 -12.18
N ASP A 12 -10.40 -14.54 -12.36
CA ASP A 12 -9.53 -13.52 -12.96
C ASP A 12 -9.03 -12.58 -11.87
N ALA A 13 -9.76 -12.55 -10.76
CA ALA A 13 -9.46 -11.65 -9.66
C ALA A 13 -8.49 -12.31 -8.69
N SER A 14 -8.07 -13.51 -9.05
CA SER A 14 -7.32 -14.36 -8.14
C SER A 14 -5.83 -14.14 -8.33
N GLN A 15 -5.46 -13.72 -9.54
CA GLN A 15 -4.07 -13.44 -9.85
C GLN A 15 -3.79 -11.94 -9.78
N MET A 16 -4.73 -11.15 -10.30
CA MET A 16 -4.57 -9.69 -10.31
C MET A 16 -5.93 -8.99 -10.30
N SER A 17 -6.06 -7.98 -9.44
CA SER A 17 -7.28 -7.19 -9.35
C SER A 17 -7.06 -6.03 -8.38
N ASN A 18 -8.03 -5.12 -8.33
CA ASN A 18 -8.02 -3.99 -7.40
C ASN A 18 -6.99 -2.92 -7.76
N LEU A 19 -7.40 -1.67 -7.64
CA LEU A 19 -6.50 -0.54 -7.85
C LEU A 19 -6.53 0.37 -6.63
N PRO A 20 -5.37 0.62 -6.02
CA PRO A 20 -5.24 1.45 -4.80
C PRO A 20 -5.84 2.86 -4.97
N PRO A 21 -6.98 3.10 -4.32
CA PRO A 21 -7.76 4.33 -4.49
C PRO A 21 -7.20 5.57 -3.77
N SER A 22 -6.55 5.38 -2.62
CA SER A 22 -6.02 6.51 -1.87
C SER A 22 -4.97 7.29 -2.68
N THR A 23 -3.76 6.75 -2.78
CA THR A 23 -2.69 7.47 -3.47
C THR A 23 -2.01 6.63 -4.56
N LEU A 24 -1.69 5.36 -4.25
CA LEU A 24 -1.00 4.49 -5.20
C LEU A 24 0.36 5.07 -5.63
N ASN A 25 1.38 4.78 -4.85
CA ASN A 25 2.75 5.21 -5.14
C ASN A 25 3.71 4.32 -4.33
N LEU A 26 4.87 4.85 -3.93
CA LEU A 26 5.81 4.17 -3.01
C LEU A 26 6.16 2.75 -3.46
N SER A 27 7.04 2.11 -2.70
CA SER A 27 7.25 0.68 -2.83
C SER A 27 7.36 0.02 -1.46
N LEU A 28 6.42 -0.85 -1.13
CA LEU A 28 6.50 -1.61 0.10
C LEU A 28 7.54 -2.70 -0.11
N THR A 29 8.29 -3.00 0.92
CA THR A 29 9.17 -4.13 0.86
C THR A 29 8.46 -5.27 1.57
N GLY A 30 7.70 -4.89 2.59
CA GLY A 30 6.71 -5.77 3.14
C GLY A 30 6.59 -5.53 4.61
N VAL A 31 5.44 -5.82 5.18
CA VAL A 31 5.23 -5.47 6.56
C VAL A 31 5.33 -6.68 7.46
N MET A 32 5.85 -6.41 8.60
CA MET A 32 6.00 -7.37 9.65
C MET A 32 4.85 -7.24 10.64
N ALA A 33 3.76 -7.95 10.39
CA ALA A 33 2.57 -7.81 11.20
C ALA A 33 2.82 -8.27 12.63
N GLY A 34 2.36 -7.47 13.60
CA GLY A 34 2.65 -7.76 15.00
C GLY A 34 1.39 -7.85 15.80
N ASP A 35 0.84 -9.06 15.87
CA ASP A 35 -0.52 -9.30 16.35
C ASP A 35 -1.49 -8.76 15.31
N ASP A 36 -1.31 -7.49 15.06
CA ASP A 36 -2.02 -6.78 14.02
C ASP A 36 -1.43 -5.38 13.94
N ASP A 37 -1.98 -4.50 14.76
CA ASP A 37 -1.65 -3.09 14.79
C ASP A 37 -0.54 -2.81 15.79
N SER A 38 -0.70 -3.36 16.97
CA SER A 38 0.10 -2.99 18.13
C SER A 38 1.61 -3.10 17.89
N ARG A 39 2.04 -4.14 17.20
CA ARG A 39 3.46 -4.45 17.14
C ARG A 39 3.92 -4.68 15.71
N SER A 40 3.23 -4.08 14.75
CA SER A 40 3.54 -4.37 13.37
C SER A 40 4.57 -3.42 12.78
N ILE A 41 5.45 -3.98 11.97
CA ILE A 41 6.59 -3.27 11.42
C ILE A 41 6.50 -3.21 9.90
N ALA A 42 5.87 -2.16 9.42
CA ALA A 42 5.70 -1.96 8.00
C ALA A 42 7.02 -1.57 7.33
N ILE A 43 7.70 -2.54 6.76
CA ILE A 43 8.94 -2.27 6.04
C ILE A 43 8.61 -1.74 4.67
N ILE A 44 8.56 -0.43 4.56
CA ILE A 44 8.34 0.19 3.28
C ILE A 44 9.64 0.71 2.72
N SER A 45 9.72 0.81 1.42
CA SER A 45 10.91 1.33 0.79
C SER A 45 10.54 2.57 -0.03
N LYS A 46 11.21 3.65 0.22
CA LYS A 46 10.84 4.94 -0.35
C LYS A 46 11.95 5.44 -1.26
N ASP A 47 11.74 5.35 -2.56
CA ASP A 47 12.84 5.46 -3.51
C ASP A 47 13.83 4.35 -3.16
N ASN A 48 13.24 3.35 -2.52
CA ASN A 48 13.92 2.17 -2.00
C ASN A 48 14.82 2.51 -0.79
N GLU A 49 14.33 3.39 0.08
CA GLU A 49 14.90 3.51 1.42
C GLU A 49 13.96 2.79 2.40
N GLN A 50 14.38 1.60 2.81
CA GLN A 50 13.55 0.76 3.66
C GLN A 50 13.39 1.34 5.06
N PHE A 51 12.15 1.38 5.53
CA PHE A 51 11.84 1.98 6.81
C PHE A 51 10.87 1.12 7.60
N SER A 52 11.04 1.10 8.92
CA SER A 52 10.19 0.34 9.81
C SER A 52 8.99 1.16 10.27
N ARG A 53 7.91 0.98 9.54
CA ARG A 53 6.63 1.62 9.80
C ARG A 53 5.72 0.66 10.55
N GLY A 54 4.43 0.91 10.50
CA GLY A 54 3.52 0.20 11.30
C GLY A 54 2.16 0.72 11.05
N VAL A 55 1.21 -0.06 11.42
CA VAL A 55 -0.14 0.42 11.52
C VAL A 55 -0.12 1.58 12.49
N ASN A 56 -0.67 2.70 12.07
CA ASN A 56 -0.67 3.92 12.86
C ASN A 56 0.67 4.62 12.69
N GLU A 57 1.22 4.37 11.51
CA GLU A 57 2.40 5.07 11.02
C GLU A 57 2.12 5.47 9.59
N GLU A 58 2.75 6.52 9.12
CA GLU A 58 2.54 6.94 7.75
C GLU A 58 3.75 6.56 6.91
N VAL A 59 3.48 6.22 5.66
CA VAL A 59 4.52 5.73 4.77
C VAL A 59 5.59 6.79 4.55
N PRO A 60 6.82 6.38 4.24
CA PRO A 60 7.94 7.30 4.07
C PRO A 60 7.75 8.20 2.85
N GLY A 61 7.87 9.50 3.09
CA GLY A 61 7.73 10.47 2.03
C GLY A 61 6.39 11.17 2.09
N TYR A 62 5.32 10.39 2.02
CA TYR A 62 3.97 10.94 1.99
C TYR A 62 3.23 10.62 3.28
N ASN A 63 2.30 11.49 3.69
CA ASN A 63 1.52 11.25 4.90
C ASN A 63 0.42 10.20 4.68
N ALA A 64 0.82 9.05 4.19
CA ALA A 64 -0.09 7.94 4.00
C ALA A 64 -0.10 7.08 5.26
N LYS A 65 -1.06 7.32 6.14
CA LYS A 65 -1.06 6.69 7.46
C LYS A 65 -1.63 5.30 7.40
N ILE A 66 -0.74 4.33 7.53
CA ILE A 66 -1.09 2.92 7.56
C ILE A 66 -2.13 2.66 8.64
N VAL A 67 -3.38 2.67 8.24
CA VAL A 67 -4.48 2.39 9.15
C VAL A 67 -4.88 0.94 9.01
N SER A 68 -4.06 0.21 8.26
CA SER A 68 -4.21 -1.21 8.06
C SER A 68 -2.92 -1.76 7.47
N ILE A 69 -2.24 -2.60 8.21
CA ILE A 69 -1.02 -3.22 7.75
C ILE A 69 -1.28 -4.62 7.22
N ARG A 70 -0.82 -4.88 6.01
CA ARG A 70 -0.89 -6.20 5.39
C ARG A 70 0.37 -6.42 4.57
N PRO A 71 0.83 -7.69 4.42
CA PRO A 71 2.07 -8.07 3.77
C PRO A 71 2.73 -6.97 2.93
N ASP A 72 2.19 -6.67 1.75
CA ASP A 72 2.60 -5.47 1.02
C ASP A 72 1.39 -4.82 0.41
N ARG A 73 0.38 -4.67 1.25
CA ARG A 73 -0.74 -3.81 0.95
C ARG A 73 -1.19 -3.17 2.25
N VAL A 74 -1.51 -1.91 2.15
CA VAL A 74 -1.83 -1.14 3.31
C VAL A 74 -3.07 -0.28 3.06
N VAL A 75 -4.11 -0.52 3.82
CA VAL A 75 -5.34 0.24 3.68
C VAL A 75 -5.18 1.57 4.41
N LEU A 76 -4.21 2.39 3.94
CA LEU A 76 -3.81 3.60 4.65
C LEU A 76 -4.71 4.79 4.44
N GLN A 77 -4.46 5.76 5.31
CA GLN A 77 -5.19 6.99 5.40
C GLN A 77 -4.31 8.11 4.89
N TYR A 78 -4.63 8.54 3.71
CA TYR A 78 -3.90 9.59 3.05
C TYR A 78 -4.92 10.48 2.36
N GLN A 79 -4.77 11.80 2.52
CA GLN A 79 -5.62 12.77 1.85
C GLN A 79 -7.04 12.75 2.42
N GLY A 80 -7.15 12.47 3.71
CA GLY A 80 -8.45 12.44 4.37
C GLY A 80 -9.24 11.19 4.03
N ARG A 81 -8.61 10.29 3.29
CA ARG A 81 -9.25 9.07 2.87
C ARG A 81 -8.42 7.88 3.31
N TYR A 82 -9.03 6.74 3.50
CA TYR A 82 -8.30 5.57 3.92
C TYR A 82 -8.75 4.39 3.08
N GLU A 83 -7.88 4.00 2.19
CA GLU A 83 -8.20 3.04 1.15
C GLU A 83 -7.09 2.02 1.04
N VAL A 84 -7.19 1.11 0.09
CA VAL A 84 -6.28 -0.02 0.05
C VAL A 84 -5.12 0.33 -0.84
N LEU A 85 -4.04 0.71 -0.21
CA LEU A 85 -2.86 1.15 -0.87
C LEU A 85 -1.76 0.13 -0.80
N GLY A 86 -1.54 -0.58 -1.88
CA GLY A 86 -0.44 -1.52 -1.93
C GLY A 86 0.72 -0.93 -2.67
N LEU A 87 1.18 0.24 -2.20
CA LEU A 87 2.42 0.86 -2.68
C LEU A 87 3.46 -0.23 -2.97
N TYR A 88 3.77 -0.46 -4.24
CA TYR A 88 4.49 -1.68 -4.61
C TYR A 88 5.79 -1.37 -5.33
N SER A 89 6.71 -2.33 -5.29
CA SER A 89 7.97 -2.22 -5.99
C SER A 89 7.79 -2.70 -7.43
N GLN A 90 7.77 -1.77 -8.37
CA GLN A 90 7.53 -2.10 -9.77
C GLN A 90 8.83 -2.52 -10.47
N GLU A 91 9.83 -1.65 -10.45
CA GLU A 91 11.12 -1.96 -11.04
C GLU A 91 12.09 -2.49 -9.99
N ASP A 92 12.12 -3.81 -9.84
CA ASP A 92 13.04 -4.47 -8.92
C ASP A 92 14.35 -4.81 -9.63
N SER A 93 14.57 -4.13 -10.76
CA SER A 93 15.74 -4.31 -11.62
C SER A 93 15.61 -5.55 -12.51
N GLY A 94 14.88 -6.56 -12.05
CA GLY A 94 14.66 -7.72 -12.88
C GLY A 94 15.00 -9.03 -12.19
N SER A 95 14.26 -9.36 -11.15
CA SER A 95 14.44 -10.63 -10.46
C SER A 95 14.03 -11.81 -11.34
N ASP A 96 12.95 -11.63 -12.08
CA ASP A 96 12.47 -12.68 -12.98
C ASP A 96 13.06 -12.49 -14.37
N GLY A 97 13.65 -11.32 -14.59
CA GLY A 97 14.21 -11.00 -15.88
C GLY A 97 13.46 -9.90 -16.61
N VAL A 98 12.69 -9.11 -15.85
CA VAL A 98 12.01 -7.95 -16.42
C VAL A 98 13.03 -6.86 -16.80
N PRO A 99 12.92 -6.34 -18.04
CA PRO A 99 13.83 -5.29 -18.53
C PRO A 99 13.67 -3.97 -17.77
N GLY A 100 14.67 -3.65 -16.97
CA GLY A 100 14.65 -2.42 -16.20
C GLY A 100 15.71 -2.42 -15.12
N ALA A 101 16.95 -2.59 -15.55
CA ALA A 101 18.06 -2.70 -14.62
C ALA A 101 19.05 -1.55 -14.80
N GLN A 102 19.68 -1.50 -15.95
CA GLN A 102 20.71 -0.50 -16.20
C GLN A 102 20.10 0.83 -16.62
N VAL A 103 18.89 0.80 -17.15
CA VAL A 103 18.16 2.03 -17.46
C VAL A 103 17.16 2.35 -16.35
N ARG A 104 16.52 1.31 -15.83
CA ARG A 104 15.47 1.44 -14.82
C ARG A 104 14.28 2.23 -15.36
N GLY A 1 -11.46 10.81 -30.66
CA GLY A 1 -10.84 10.71 -29.32
C GLY A 1 -10.91 9.29 -28.80
N SER A 2 -10.90 9.15 -27.49
CA SER A 2 -11.02 7.84 -26.87
C SER A 2 -12.43 7.30 -27.06
N HIS A 3 -12.53 6.03 -27.42
CA HIS A 3 -13.82 5.43 -27.73
C HIS A 3 -14.47 4.87 -26.46
N MET A 4 -14.78 5.77 -25.54
CA MET A 4 -15.41 5.39 -24.28
C MET A 4 -16.90 5.15 -24.48
N LEU A 5 -17.44 5.75 -25.54
CA LEU A 5 -18.86 5.67 -25.89
C LEU A 5 -19.73 6.31 -24.81
N GLU A 6 -19.93 5.57 -23.73
CA GLU A 6 -20.70 6.03 -22.59
C GLU A 6 -20.61 5.01 -21.47
N MET A 7 -19.91 5.37 -20.40
CA MET A 7 -19.68 4.46 -19.29
C MET A 7 -20.93 4.29 -18.44
N ALA A 8 -21.64 3.20 -18.69
CA ALA A 8 -22.83 2.87 -17.92
C ALA A 8 -22.48 1.85 -16.83
N GLY A 9 -21.57 0.95 -17.17
CA GLY A 9 -21.16 -0.06 -16.22
C GLY A 9 -19.96 -0.84 -16.72
N ALA A 10 -19.29 -1.54 -15.82
CA ALA A 10 -18.14 -2.35 -16.17
C ALA A 10 -18.60 -3.70 -16.71
N LEU A 11 -18.04 -4.10 -17.84
CA LEU A 11 -18.43 -5.34 -18.50
C LEU A 11 -17.83 -6.54 -17.78
N ASP A 12 -16.67 -6.33 -17.15
CA ASP A 12 -15.99 -7.38 -16.42
C ASP A 12 -16.55 -7.50 -15.01
N ALA A 13 -17.85 -7.73 -14.92
CA ALA A 13 -18.54 -7.81 -13.64
C ALA A 13 -18.12 -9.05 -12.86
N SER A 14 -17.80 -10.12 -13.58
CA SER A 14 -17.41 -11.37 -12.96
C SER A 14 -15.92 -11.34 -12.60
N GLN A 15 -15.20 -10.39 -13.19
CA GLN A 15 -13.77 -10.22 -12.90
C GLN A 15 -13.60 -9.41 -11.63
N MET A 16 -14.57 -8.54 -11.37
CA MET A 16 -14.59 -7.68 -10.18
C MET A 16 -13.40 -6.73 -10.21
N SER A 17 -13.18 -6.13 -11.38
CA SER A 17 -12.06 -5.24 -11.61
C SER A 17 -12.12 -4.02 -10.71
N ASN A 18 -11.36 -4.04 -9.62
CA ASN A 18 -11.25 -2.89 -8.74
C ASN A 18 -9.78 -2.53 -8.54
N LEU A 19 -9.50 -1.24 -8.66
CA LEU A 19 -8.13 -0.75 -8.50
C LEU A 19 -7.97 -0.06 -7.15
N PRO A 20 -6.75 -0.15 -6.57
CA PRO A 20 -6.43 0.51 -5.30
C PRO A 20 -6.36 2.03 -5.44
N PRO A 21 -7.30 2.75 -4.80
CA PRO A 21 -7.33 4.21 -4.83
C PRO A 21 -6.27 4.81 -3.90
N SER A 22 -6.69 5.53 -2.85
CA SER A 22 -5.77 6.16 -1.90
C SER A 22 -4.76 7.09 -2.60
N THR A 23 -3.71 6.51 -3.18
CA THR A 23 -2.69 7.28 -3.88
C THR A 23 -1.83 6.39 -4.78
N LEU A 24 -1.41 5.23 -4.25
CA LEU A 24 -0.54 4.28 -4.99
C LEU A 24 0.72 4.98 -5.54
N ASN A 25 1.83 4.83 -4.84
CA ASN A 25 3.05 5.59 -5.17
C ASN A 25 4.29 4.89 -4.63
N LEU A 26 4.46 4.96 -3.32
CA LEU A 26 5.60 4.34 -2.63
C LEU A 26 5.65 2.84 -2.90
N SER A 27 6.68 2.19 -2.42
CA SER A 27 6.81 0.76 -2.54
C SER A 27 6.92 0.12 -1.18
N LEU A 28 5.98 -0.74 -0.86
CA LEU A 28 6.07 -1.53 0.35
C LEU A 28 7.01 -2.69 0.05
N THR A 29 8.04 -2.82 0.87
CA THR A 29 8.98 -3.90 0.66
C THR A 29 8.45 -5.12 1.38
N GLY A 30 7.73 -4.85 2.46
CA GLY A 30 6.99 -5.88 3.13
C GLY A 30 6.62 -5.42 4.51
N VAL A 31 5.83 -6.19 5.20
CA VAL A 31 5.39 -5.79 6.50
C VAL A 31 5.61 -6.91 7.50
N MET A 32 6.29 -6.57 8.58
CA MET A 32 6.55 -7.50 9.65
C MET A 32 5.41 -7.41 10.64
N ALA A 33 4.40 -8.23 10.41
CA ALA A 33 3.18 -8.17 11.22
C ALA A 33 3.48 -8.56 12.66
N GLY A 34 3.00 -7.77 13.61
CA GLY A 34 3.33 -7.97 15.00
C GLY A 34 2.12 -8.27 15.82
N ASP A 35 1.83 -9.58 15.96
CA ASP A 35 0.60 -10.05 16.61
C ASP A 35 -0.58 -9.73 15.71
N ASP A 36 -0.74 -8.44 15.47
CA ASP A 36 -1.72 -7.91 14.56
C ASP A 36 -1.26 -6.55 14.10
N ASP A 37 -2.21 -5.67 13.87
CA ASP A 37 -1.93 -4.28 13.55
C ASP A 37 -1.09 -3.64 14.66
N SER A 38 -1.34 -4.10 15.90
CA SER A 38 -0.72 -3.55 17.10
C SER A 38 0.80 -3.34 16.98
N ARG A 39 1.53 -4.41 16.66
CA ARG A 39 2.99 -4.38 16.79
C ARG A 39 3.67 -4.61 15.45
N SER A 40 3.04 -4.20 14.39
CA SER A 40 3.53 -4.53 13.08
C SER A 40 4.57 -3.53 12.58
N ILE A 41 5.53 -4.05 11.85
CA ILE A 41 6.66 -3.27 11.36
C ILE A 41 6.60 -3.21 9.85
N ALA A 42 5.97 -2.16 9.38
CA ALA A 42 5.76 -1.96 7.97
C ALA A 42 7.06 -1.55 7.30
N ILE A 43 7.70 -2.48 6.64
CA ILE A 43 8.97 -2.19 6.01
C ILE A 43 8.70 -1.64 4.63
N ILE A 44 8.63 -0.33 4.55
CA ILE A 44 8.31 0.30 3.30
C ILE A 44 9.56 0.90 2.70
N SER A 45 9.61 0.95 1.40
CA SER A 45 10.76 1.47 0.71
C SER A 45 10.38 2.74 -0.05
N LYS A 46 11.17 3.78 0.13
CA LYS A 46 10.89 5.09 -0.46
C LYS A 46 11.91 5.37 -1.53
N ASP A 47 11.52 5.21 -2.79
CA ASP A 47 12.48 5.22 -3.89
C ASP A 47 13.49 4.12 -3.65
N ASN A 48 12.98 3.12 -2.94
CA ASN A 48 13.70 1.92 -2.53
C ASN A 48 14.56 2.20 -1.28
N GLU A 49 14.06 3.08 -0.42
CA GLU A 49 14.67 3.31 0.88
C GLU A 49 13.81 2.67 1.97
N GLN A 50 14.21 1.47 2.37
CA GLN A 50 13.45 0.69 3.34
C GLN A 50 13.43 1.31 4.74
N PHE A 51 12.26 1.30 5.34
CA PHE A 51 12.06 1.85 6.68
C PHE A 51 11.03 1.04 7.47
N SER A 52 11.19 1.01 8.78
CA SER A 52 10.27 0.29 9.66
C SER A 52 9.11 1.19 10.09
N ARG A 53 7.98 0.98 9.44
CA ARG A 53 6.74 1.69 9.72
C ARG A 53 5.78 0.76 10.45
N GLY A 54 4.52 1.09 10.42
CA GLY A 54 3.57 0.32 11.14
C GLY A 54 2.19 0.86 10.96
N VAL A 55 1.25 0.07 11.42
CA VAL A 55 -0.08 0.53 11.66
C VAL A 55 -0.06 1.85 12.40
N ASN A 56 -0.82 2.79 11.87
CA ASN A 56 -1.01 4.10 12.46
C ASN A 56 0.29 4.91 12.36
N GLU A 57 1.16 4.41 11.54
CA GLU A 57 2.34 5.13 11.09
C GLU A 57 2.04 5.54 9.67
N GLU A 58 2.78 6.45 9.10
CA GLU A 58 2.54 6.84 7.72
C GLU A 58 3.73 6.45 6.87
N VAL A 59 3.47 6.19 5.59
CA VAL A 59 4.52 5.74 4.70
C VAL A 59 5.64 6.79 4.63
N PRO A 60 6.89 6.32 4.53
CA PRO A 60 8.08 7.18 4.66
C PRO A 60 8.29 8.07 3.44
N GLY A 61 7.77 9.28 3.51
CA GLY A 61 7.94 10.25 2.45
C GLY A 61 6.62 10.92 2.11
N TYR A 62 5.61 10.10 1.93
CA TYR A 62 4.26 10.58 1.65
C TYR A 62 3.37 10.26 2.84
N ASN A 63 2.50 11.17 3.27
CA ASN A 63 1.68 10.96 4.47
C ASN A 63 0.55 9.97 4.24
N ALA A 64 0.86 8.84 3.62
CA ALA A 64 -0.10 7.76 3.52
C ALA A 64 -0.07 6.94 4.81
N LYS A 65 -1.02 7.20 5.70
CA LYS A 65 -0.99 6.62 7.04
C LYS A 65 -1.51 5.20 7.02
N ILE A 66 -0.72 4.28 7.53
CA ILE A 66 -1.05 2.87 7.45
C ILE A 66 -2.11 2.56 8.48
N VAL A 67 -3.36 2.70 8.10
CA VAL A 67 -4.45 2.52 9.04
C VAL A 67 -4.78 1.05 9.13
N SER A 68 -4.09 0.29 8.31
CA SER A 68 -4.21 -1.14 8.27
C SER A 68 -2.98 -1.72 7.61
N ILE A 69 -2.25 -2.50 8.36
CA ILE A 69 -1.02 -3.08 7.87
C ILE A 69 -1.24 -4.49 7.31
N ARG A 70 -0.67 -4.73 6.14
CA ARG A 70 -0.60 -6.05 5.54
C ARG A 70 0.77 -6.17 4.86
N PRO A 71 1.23 -7.40 4.53
CA PRO A 71 2.50 -7.66 3.84
C PRO A 71 3.01 -6.49 2.97
N ASP A 72 2.56 -6.38 1.74
CA ASP A 72 2.84 -5.16 0.96
C ASP A 72 1.55 -4.48 0.65
N ARG A 73 0.61 -4.65 1.56
CA ARG A 73 -0.71 -4.14 1.39
C ARG A 73 -1.12 -3.34 2.60
N VAL A 74 -1.81 -2.27 2.37
CA VAL A 74 -2.18 -1.37 3.43
C VAL A 74 -3.56 -0.75 3.17
N VAL A 75 -4.11 -0.10 4.18
CA VAL A 75 -5.38 0.60 4.06
C VAL A 75 -5.18 2.01 4.60
N LEU A 76 -4.32 2.73 3.91
CA LEU A 76 -3.77 3.97 4.41
C LEU A 76 -4.61 5.20 4.23
N GLN A 77 -4.33 6.14 5.14
CA GLN A 77 -5.00 7.41 5.24
C GLN A 77 -4.15 8.46 4.59
N TYR A 78 -4.56 8.86 3.42
CA TYR A 78 -3.87 9.88 2.68
C TYR A 78 -4.89 10.76 1.99
N GLN A 79 -4.73 12.07 2.11
CA GLN A 79 -5.59 13.03 1.43
C GLN A 79 -7.00 13.00 1.99
N GLY A 80 -7.14 12.63 3.26
CA GLY A 80 -8.45 12.63 3.88
C GLY A 80 -9.19 11.32 3.69
N ARG A 81 -8.58 10.40 2.94
CA ARG A 81 -9.20 9.10 2.70
C ARG A 81 -8.27 7.97 3.08
N TYR A 82 -8.84 6.90 3.57
CA TYR A 82 -8.09 5.70 3.79
C TYR A 82 -8.74 4.57 3.02
N GLU A 83 -8.05 4.16 1.98
CA GLU A 83 -8.50 3.07 1.17
C GLU A 83 -7.38 2.09 1.10
N VAL A 84 -7.52 1.03 0.32
CA VAL A 84 -6.62 -0.05 0.47
C VAL A 84 -5.49 0.06 -0.56
N LEU A 85 -4.37 0.59 -0.08
CA LEU A 85 -3.23 0.82 -0.90
C LEU A 85 -2.12 -0.17 -0.64
N GLY A 86 -1.80 -0.95 -1.64
CA GLY A 86 -0.59 -1.73 -1.58
C GLY A 86 0.51 -1.07 -2.38
N LEU A 87 0.88 0.16 -1.96
CA LEU A 87 1.99 0.92 -2.61
C LEU A 87 3.10 -0.04 -3.02
N TYR A 88 3.31 -0.23 -4.33
CA TYR A 88 4.24 -1.25 -4.78
C TYR A 88 5.15 -0.70 -5.88
N SER A 89 6.36 -1.21 -5.94
CA SER A 89 7.28 -0.89 -7.02
C SER A 89 8.24 -2.06 -7.20
N GLN A 90 8.86 -2.13 -8.38
CA GLN A 90 9.85 -3.17 -8.69
C GLN A 90 9.19 -4.55 -8.77
N GLU A 91 9.99 -5.56 -9.04
CA GLU A 91 9.51 -6.92 -9.19
C GLU A 91 10.30 -7.84 -8.26
N ASP A 92 9.64 -8.37 -7.24
CA ASP A 92 10.30 -9.23 -6.27
C ASP A 92 10.59 -10.60 -6.87
N SER A 93 9.60 -11.19 -7.53
CA SER A 93 9.73 -12.50 -8.15
C SER A 93 10.32 -13.53 -7.17
N GLY A 94 9.71 -13.63 -6.00
CA GLY A 94 10.17 -14.60 -5.02
C GLY A 94 9.21 -14.79 -3.85
N SER A 95 8.66 -13.69 -3.37
CA SER A 95 7.83 -13.73 -2.18
C SER A 95 6.36 -13.46 -2.53
N ASP A 96 5.76 -14.40 -3.25
CA ASP A 96 4.37 -14.27 -3.66
C ASP A 96 3.44 -14.51 -2.47
N GLY A 97 3.60 -15.65 -1.79
CA GLY A 97 2.73 -15.96 -0.68
C GLY A 97 1.26 -16.02 -1.07
N VAL A 98 1.01 -16.47 -2.30
CA VAL A 98 -0.35 -16.56 -2.80
C VAL A 98 -0.67 -18.00 -3.17
N PRO A 99 -1.96 -18.37 -3.19
CA PRO A 99 -2.40 -19.70 -3.60
C PRO A 99 -2.19 -19.91 -5.10
N GLY A 100 -1.21 -20.74 -5.43
CA GLY A 100 -0.93 -21.02 -6.82
C GLY A 100 -1.91 -22.00 -7.42
N ALA A 101 -2.56 -21.59 -8.50
CA ALA A 101 -3.50 -22.45 -9.20
C ALA A 101 -2.81 -23.17 -10.34
N GLN A 102 -2.05 -24.19 -10.00
CA GLN A 102 -1.27 -24.93 -10.98
C GLN A 102 -2.10 -26.09 -11.55
N VAL A 103 -3.31 -25.76 -11.97
CA VAL A 103 -4.24 -26.73 -12.54
C VAL A 103 -4.67 -26.28 -13.94
N ARG A 104 -5.10 -27.23 -14.75
CA ARG A 104 -5.51 -26.90 -16.11
C ARG A 104 -6.77 -27.68 -16.46
N GLY A 1 0.30 16.55 -15.01
CA GLY A 1 0.04 16.13 -13.61
C GLY A 1 -0.52 14.73 -13.53
N SER A 2 -0.57 14.18 -12.32
CA SER A 2 -1.06 12.83 -12.12
C SER A 2 -2.58 12.81 -12.01
N HIS A 3 -3.25 12.98 -13.15
CA HIS A 3 -4.71 12.99 -13.23
C HIS A 3 -5.29 14.09 -12.33
N MET A 4 -4.86 15.32 -12.60
CA MET A 4 -5.29 16.49 -11.81
C MET A 4 -6.67 16.97 -12.28
N LEU A 5 -7.62 16.05 -12.36
CA LEU A 5 -8.93 16.35 -12.90
C LEU A 5 -9.97 16.42 -11.79
N GLU A 6 -10.49 17.63 -11.57
CA GLU A 6 -11.63 17.88 -10.68
C GLU A 6 -11.25 17.78 -9.21
N MET A 7 -11.77 18.72 -8.43
CA MET A 7 -11.58 18.74 -6.99
C MET A 7 -12.45 17.67 -6.35
N ALA A 8 -13.57 17.40 -6.99
CA ALA A 8 -14.46 16.34 -6.56
C ALA A 8 -14.17 15.06 -7.35
N GLY A 9 -12.89 14.78 -7.55
CA GLY A 9 -12.49 13.60 -8.29
C GLY A 9 -12.41 12.38 -7.41
N ALA A 10 -13.05 12.45 -6.24
CA ALA A 10 -13.08 11.34 -5.30
C ALA A 10 -14.14 10.32 -5.73
N LEU A 11 -13.96 9.78 -6.92
CA LEU A 11 -14.93 8.87 -7.50
C LEU A 11 -14.21 7.95 -8.50
N ASP A 12 -14.94 6.99 -9.06
CA ASP A 12 -14.35 6.05 -10.03
C ASP A 12 -13.91 6.76 -11.30
N ALA A 13 -14.37 8.00 -11.47
CA ALA A 13 -14.08 8.75 -12.69
C ALA A 13 -12.59 9.01 -12.87
N SER A 14 -11.87 9.17 -11.77
CA SER A 14 -10.44 9.46 -11.83
C SER A 14 -9.62 8.18 -12.00
N GLN A 15 -10.21 7.04 -11.68
CA GLN A 15 -9.51 5.76 -11.73
C GLN A 15 -9.84 5.01 -13.00
N MET A 16 -11.13 4.85 -13.28
CA MET A 16 -11.60 4.01 -14.40
C MET A 16 -10.92 2.65 -14.41
N SER A 17 -10.64 2.13 -13.22
CA SER A 17 -9.96 0.86 -13.04
C SER A 17 -10.09 0.41 -11.59
N ASN A 18 -9.89 -0.88 -11.34
CA ASN A 18 -9.89 -1.40 -9.98
C ASN A 18 -8.51 -1.22 -9.36
N LEU A 19 -7.88 -0.10 -9.69
CA LEU A 19 -6.54 0.22 -9.23
C LEU A 19 -6.62 0.95 -7.90
N PRO A 20 -5.84 0.48 -6.90
CA PRO A 20 -5.78 1.05 -5.55
C PRO A 20 -5.82 2.58 -5.53
N PRO A 21 -6.90 3.16 -4.97
CA PRO A 21 -7.02 4.61 -4.74
C PRO A 21 -5.97 5.12 -3.74
N SER A 22 -6.37 5.95 -2.76
CA SER A 22 -5.44 6.66 -1.90
C SER A 22 -4.40 7.43 -2.72
N THR A 23 -3.35 6.76 -3.16
CA THR A 23 -2.33 7.37 -4.01
C THR A 23 -1.59 6.31 -4.84
N LEU A 24 -1.13 5.24 -4.18
CA LEU A 24 -0.31 4.20 -4.83
C LEU A 24 0.92 4.80 -5.55
N ASN A 25 2.09 4.66 -4.92
CA ASN A 25 3.30 5.28 -5.45
C ASN A 25 4.56 4.66 -4.84
N LEU A 26 4.67 4.77 -3.51
CA LEU A 26 5.79 4.21 -2.77
C LEU A 26 5.95 2.74 -3.04
N SER A 27 6.98 2.15 -2.48
CA SER A 27 7.14 0.72 -2.58
C SER A 27 7.03 0.06 -1.21
N LEU A 28 5.95 -0.64 -0.97
CA LEU A 28 5.84 -1.45 0.21
C LEU A 28 6.73 -2.64 -0.02
N THR A 29 7.74 -2.79 0.79
CA THR A 29 8.72 -3.82 0.52
C THR A 29 8.29 -5.06 1.24
N GLY A 30 7.68 -4.85 2.40
CA GLY A 30 7.05 -5.92 3.10
C GLY A 30 6.91 -5.59 4.55
N VAL A 31 5.81 -5.95 5.13
CA VAL A 31 5.57 -5.64 6.51
C VAL A 31 5.83 -6.86 7.36
N MET A 32 6.29 -6.59 8.55
CA MET A 32 6.51 -7.61 9.52
C MET A 32 5.39 -7.54 10.54
N ALA A 33 4.33 -8.29 10.29
CA ALA A 33 3.14 -8.24 11.13
C ALA A 33 3.48 -8.60 12.57
N GLY A 34 3.20 -7.67 13.47
CA GLY A 34 3.58 -7.85 14.86
C GLY A 34 2.37 -8.05 15.70
N ASP A 35 2.06 -9.30 16.00
CA ASP A 35 0.84 -9.68 16.69
C ASP A 35 -0.31 -9.52 15.70
N ASP A 36 -0.51 -8.28 15.33
CA ASP A 36 -1.36 -7.88 14.23
C ASP A 36 -1.00 -6.45 13.86
N ASP A 37 -1.85 -5.54 14.30
CA ASP A 37 -1.64 -4.11 14.13
C ASP A 37 -0.91 -3.54 15.34
N SER A 38 -0.98 -4.26 16.45
CA SER A 38 -0.43 -3.80 17.71
C SER A 38 1.07 -3.57 17.64
N ARG A 39 1.77 -4.54 17.07
CA ARG A 39 3.21 -4.58 17.15
C ARG A 39 3.82 -4.64 15.75
N SER A 40 3.04 -4.24 14.78
CA SER A 40 3.37 -4.42 13.37
C SER A 40 4.57 -3.58 12.93
N ILE A 41 5.34 -4.13 11.97
CA ILE A 41 6.53 -3.46 11.44
C ILE A 41 6.47 -3.37 9.93
N ALA A 42 5.80 -2.35 9.46
CA ALA A 42 5.62 -2.12 8.03
C ALA A 42 6.91 -1.64 7.38
N ILE A 43 7.66 -2.57 6.78
CA ILE A 43 8.92 -2.22 6.14
C ILE A 43 8.63 -1.68 4.74
N ILE A 44 8.52 -0.38 4.64
CA ILE A 44 8.22 0.24 3.38
C ILE A 44 9.44 0.89 2.76
N SER A 45 9.55 0.74 1.46
CA SER A 45 10.66 1.26 0.69
C SER A 45 10.26 2.57 0.01
N LYS A 46 11.07 3.59 0.18
CA LYS A 46 10.79 4.91 -0.38
C LYS A 46 12.00 5.40 -1.15
N ASP A 47 11.89 5.37 -2.48
CA ASP A 47 13.05 5.59 -3.35
C ASP A 47 14.05 4.47 -3.08
N ASN A 48 13.50 3.41 -2.48
CA ASN A 48 14.23 2.23 -2.02
C ASN A 48 14.99 2.55 -0.74
N GLU A 49 14.36 3.33 0.12
CA GLU A 49 14.82 3.50 1.49
C GLU A 49 13.81 2.89 2.44
N GLN A 50 14.07 1.65 2.79
CA GLN A 50 13.18 0.88 3.65
C GLN A 50 13.11 1.41 5.09
N PHE A 51 11.87 1.59 5.55
CA PHE A 51 11.59 2.01 6.91
C PHE A 51 10.76 0.99 7.65
N SER A 52 10.93 0.92 8.95
CA SER A 52 10.11 0.07 9.79
C SER A 52 8.94 0.87 10.36
N ARG A 53 7.81 0.72 9.71
CA ARG A 53 6.56 1.34 10.10
C ARG A 53 5.84 0.41 11.06
N GLY A 54 4.56 0.62 11.24
CA GLY A 54 3.89 0.02 12.36
C GLY A 54 2.58 0.70 12.68
N VAL A 55 1.52 0.10 12.14
CA VAL A 55 0.12 0.53 12.23
C VAL A 55 -0.09 1.86 12.94
N ASN A 56 -0.73 2.77 12.22
CA ASN A 56 -0.98 4.11 12.72
C ASN A 56 0.28 4.94 12.60
N GLU A 57 0.99 4.62 11.54
CA GLU A 57 2.10 5.40 11.06
C GLU A 57 1.82 5.76 9.61
N GLU A 58 2.58 6.67 9.07
CA GLU A 58 2.42 7.07 7.68
C GLU A 58 3.63 6.64 6.89
N VAL A 59 3.41 6.27 5.64
CA VAL A 59 4.47 5.74 4.80
C VAL A 59 5.56 6.81 4.64
N PRO A 60 6.80 6.39 4.39
CA PRO A 60 7.95 7.31 4.31
C PRO A 60 7.84 8.25 3.11
N GLY A 61 7.97 9.55 3.38
CA GLY A 61 7.90 10.54 2.32
C GLY A 61 6.55 11.22 2.27
N TYR A 62 5.52 10.43 2.06
CA TYR A 62 4.17 10.96 1.96
C TYR A 62 3.36 10.54 3.20
N ASN A 63 2.51 11.42 3.74
CA ASN A 63 1.73 11.11 4.94
C ASN A 63 0.58 10.16 4.63
N ALA A 64 0.89 9.09 3.94
CA ALA A 64 -0.07 8.03 3.70
C ALA A 64 -0.12 7.14 4.93
N LYS A 65 -1.11 7.40 5.80
CA LYS A 65 -1.13 6.78 7.12
C LYS A 65 -1.67 5.36 7.05
N ILE A 66 -0.77 4.43 7.24
CA ILE A 66 -1.08 3.02 7.26
C ILE A 66 -2.06 2.73 8.38
N VAL A 67 -3.34 2.70 8.02
CA VAL A 67 -4.41 2.41 8.95
C VAL A 67 -4.54 0.91 9.06
N SER A 68 -3.82 0.24 8.18
CA SER A 68 -3.91 -1.19 8.05
C SER A 68 -2.64 -1.73 7.41
N ILE A 69 -1.93 -2.55 8.18
CA ILE A 69 -0.73 -3.22 7.73
C ILE A 69 -1.04 -4.61 7.18
N ARG A 70 -0.55 -4.86 5.98
CA ARG A 70 -0.62 -6.17 5.33
C ARG A 70 0.70 -6.38 4.58
N PRO A 71 1.14 -7.65 4.41
CA PRO A 71 2.39 -8.05 3.76
C PRO A 71 3.02 -6.95 2.87
N ASP A 72 2.47 -6.73 1.69
CA ASP A 72 2.83 -5.56 0.90
C ASP A 72 1.56 -4.85 0.47
N ARG A 73 0.64 -4.82 1.39
CA ARG A 73 -0.64 -4.19 1.19
C ARG A 73 -1.01 -3.37 2.41
N VAL A 74 -1.62 -2.27 2.17
CA VAL A 74 -2.00 -1.36 3.23
C VAL A 74 -3.37 -0.76 2.93
N VAL A 75 -3.92 -0.09 3.92
CA VAL A 75 -5.20 0.60 3.77
C VAL A 75 -5.03 1.99 4.37
N LEU A 76 -4.12 2.76 3.78
CA LEU A 76 -3.67 3.99 4.40
C LEU A 76 -4.56 5.19 4.17
N GLN A 77 -4.34 6.16 5.02
CA GLN A 77 -5.08 7.39 5.05
C GLN A 77 -4.20 8.48 4.46
N TYR A 78 -4.52 8.86 3.26
CA TYR A 78 -3.81 9.91 2.58
C TYR A 78 -4.82 10.75 1.79
N GLN A 79 -4.66 12.07 1.86
CA GLN A 79 -5.46 12.99 1.06
C GLN A 79 -6.92 13.00 1.51
N GLY A 80 -7.13 12.71 2.79
CA GLY A 80 -8.46 12.76 3.37
C GLY A 80 -9.20 11.44 3.24
N ARG A 81 -8.52 10.44 2.69
CA ARG A 81 -9.15 9.15 2.48
C ARG A 81 -8.24 8.02 2.95
N TYR A 82 -8.84 6.98 3.50
CA TYR A 82 -8.08 5.80 3.81
C TYR A 82 -8.61 4.66 2.95
N GLU A 83 -7.80 4.30 1.99
CA GLU A 83 -8.16 3.29 1.03
C GLU A 83 -7.01 2.29 0.94
N VAL A 84 -7.08 1.35 0.01
CA VAL A 84 -6.18 0.22 0.04
C VAL A 84 -4.97 0.46 -0.84
N LEU A 85 -3.89 0.84 -0.21
CA LEU A 85 -2.64 1.03 -0.88
C LEU A 85 -1.70 -0.12 -0.71
N GLY A 86 -1.50 -0.84 -1.78
CA GLY A 86 -0.40 -1.77 -1.82
C GLY A 86 0.73 -1.15 -2.58
N LEU A 87 1.10 0.07 -2.16
CA LEU A 87 2.21 0.84 -2.77
C LEU A 87 3.31 -0.11 -3.21
N TYR A 88 3.60 -0.20 -4.50
CA TYR A 88 4.66 -1.08 -4.96
C TYR A 88 5.49 -0.33 -5.97
N SER A 89 6.75 -0.70 -6.11
CA SER A 89 7.57 -0.13 -7.15
C SER A 89 7.64 -1.10 -8.32
N GLN A 90 8.15 -0.64 -9.46
CA GLN A 90 8.26 -1.46 -10.66
C GLN A 90 6.86 -1.75 -11.22
N GLU A 91 6.80 -2.58 -12.24
CA GLU A 91 5.53 -2.93 -12.87
C GLU A 91 5.04 -4.27 -12.33
N ASP A 92 3.82 -4.27 -11.79
CA ASP A 92 3.25 -5.42 -11.10
C ASP A 92 2.88 -6.56 -12.06
N SER A 93 1.90 -6.32 -12.94
CA SER A 93 1.43 -7.32 -13.89
C SER A 93 1.20 -8.69 -13.23
N GLY A 94 0.49 -8.69 -12.11
CA GLY A 94 0.26 -9.92 -11.38
C GLY A 94 -1.17 -10.07 -10.92
N SER A 95 -1.40 -10.98 -9.98
CA SER A 95 -2.74 -11.23 -9.46
C SER A 95 -2.82 -10.80 -8.00
N ASP A 96 -3.92 -10.11 -7.67
CA ASP A 96 -4.12 -9.56 -6.33
C ASP A 96 -4.50 -10.65 -5.34
N GLY A 97 -5.15 -11.70 -5.84
CA GLY A 97 -5.60 -12.78 -4.98
C GLY A 97 -7.11 -12.82 -4.89
N VAL A 98 -7.76 -11.95 -5.64
CA VAL A 98 -9.21 -11.93 -5.70
C VAL A 98 -9.70 -12.92 -6.75
N PRO A 99 -10.36 -14.00 -6.31
CA PRO A 99 -10.81 -15.07 -7.19
C PRO A 99 -11.96 -14.65 -8.10
N GLY A 100 -11.68 -14.55 -9.38
CA GLY A 100 -12.72 -14.24 -10.35
C GLY A 100 -13.43 -15.49 -10.81
N ALA A 101 -12.64 -16.53 -11.06
CA ALA A 101 -13.15 -17.84 -11.48
C ALA A 101 -13.98 -17.74 -12.76
N GLN A 102 -15.29 -17.57 -12.62
CA GLN A 102 -16.17 -17.45 -13.76
C GLN A 102 -16.16 -16.04 -14.31
N VAL A 103 -15.04 -15.66 -14.91
CA VAL A 103 -14.93 -14.38 -15.61
C VAL A 103 -15.84 -14.43 -16.83
N ARG A 104 -15.87 -15.59 -17.46
CA ARG A 104 -16.79 -15.87 -18.53
C ARG A 104 -17.46 -17.21 -18.26
N GLY A 1 -21.20 10.92 20.51
CA GLY A 1 -21.89 9.81 19.81
C GLY A 1 -21.42 9.68 18.38
N SER A 2 -20.16 9.35 18.20
CA SER A 2 -19.55 9.27 16.88
C SER A 2 -19.82 7.92 16.25
N HIS A 3 -20.43 7.93 15.07
CA HIS A 3 -20.74 6.70 14.36
C HIS A 3 -19.84 6.53 13.13
N MET A 4 -18.58 6.19 13.37
CA MET A 4 -17.66 5.84 12.31
C MET A 4 -17.19 4.41 12.49
N LEU A 5 -17.78 3.76 13.48
CA LEU A 5 -17.40 2.41 13.86
C LEU A 5 -17.98 1.38 12.89
N GLU A 6 -17.38 1.30 11.70
CA GLU A 6 -17.74 0.30 10.70
C GLU A 6 -19.24 0.36 10.38
N MET A 7 -19.68 1.46 9.81
CA MET A 7 -21.09 1.63 9.49
C MET A 7 -21.42 0.98 8.15
N ALA A 8 -21.55 -0.34 8.17
CA ALA A 8 -21.82 -1.14 6.98
C ALA A 8 -20.69 -0.99 5.96
N GLY A 9 -19.46 -1.04 6.44
CA GLY A 9 -18.31 -0.92 5.58
C GLY A 9 -17.24 -1.94 5.91
N ALA A 10 -17.32 -3.10 5.27
CA ALA A 10 -16.41 -4.21 5.55
C ALA A 10 -16.76 -5.42 4.68
N LEU A 11 -18.06 -5.61 4.44
CA LEU A 11 -18.55 -6.76 3.70
C LEU A 11 -18.06 -6.75 2.25
N ASP A 12 -16.98 -7.49 2.02
CA ASP A 12 -16.39 -7.65 0.68
C ASP A 12 -16.10 -6.30 0.04
N ALA A 13 -15.39 -5.45 0.78
CA ALA A 13 -14.99 -4.16 0.26
C ALA A 13 -13.61 -4.26 -0.38
N SER A 14 -12.61 -4.56 0.44
CA SER A 14 -11.23 -4.61 -0.01
C SER A 14 -10.85 -6.00 -0.53
N GLN A 15 -11.80 -6.94 -0.44
CA GLN A 15 -11.55 -8.31 -0.87
C GLN A 15 -11.57 -8.39 -2.40
N MET A 16 -12.07 -7.33 -3.01
CA MET A 16 -12.06 -7.22 -4.47
C MET A 16 -10.68 -6.81 -4.94
N SER A 17 -10.22 -5.65 -4.50
CA SER A 17 -8.93 -5.11 -4.89
C SER A 17 -8.87 -4.98 -6.41
N ASN A 18 -9.80 -4.21 -6.95
CA ASN A 18 -9.85 -3.95 -8.39
C ASN A 18 -9.23 -2.60 -8.69
N LEU A 19 -9.44 -1.65 -7.79
CA LEU A 19 -8.91 -0.31 -7.94
C LEU A 19 -8.41 0.21 -6.61
N PRO A 20 -7.08 0.33 -6.45
CA PRO A 20 -6.46 0.87 -5.25
C PRO A 20 -6.43 2.40 -5.27
N PRO A 21 -7.27 3.04 -4.44
CA PRO A 21 -7.35 4.50 -4.36
C PRO A 21 -6.20 5.09 -3.56
N SER A 22 -6.50 6.02 -2.64
CA SER A 22 -5.49 6.76 -1.89
C SER A 22 -4.38 7.32 -2.81
N THR A 23 -3.21 6.67 -2.88
CA THR A 23 -2.11 7.19 -3.71
C THR A 23 -1.40 6.08 -4.50
N LEU A 24 -1.23 4.92 -3.87
CA LEU A 24 -0.66 3.71 -4.53
C LEU A 24 0.83 3.87 -4.91
N ASN A 25 1.39 5.04 -4.69
CA ASN A 25 2.77 5.32 -5.14
C ASN A 25 3.77 5.29 -3.99
N LEU A 26 4.44 4.16 -3.84
CA LEU A 26 5.49 3.92 -2.84
C LEU A 26 5.94 2.49 -3.11
N SER A 27 6.89 1.97 -2.38
CA SER A 27 7.22 0.56 -2.52
C SER A 27 7.11 -0.14 -1.18
N LEU A 28 6.02 -0.85 -0.96
CA LEU A 28 5.82 -1.53 0.31
C LEU A 28 6.60 -2.85 0.27
N THR A 29 7.93 -2.76 0.41
CA THR A 29 8.76 -3.95 0.51
C THR A 29 8.15 -5.04 1.35
N GLY A 30 7.67 -4.67 2.51
CA GLY A 30 6.95 -5.63 3.28
C GLY A 30 6.85 -5.28 4.73
N VAL A 31 5.81 -5.76 5.36
CA VAL A 31 5.62 -5.50 6.76
C VAL A 31 5.97 -6.74 7.55
N MET A 32 6.56 -6.50 8.68
CA MET A 32 6.85 -7.56 9.62
C MET A 32 5.76 -7.55 10.67
N ALA A 33 4.68 -8.27 10.38
CA ALA A 33 3.48 -8.25 11.20
C ALA A 33 3.78 -8.62 12.65
N GLY A 34 3.20 -7.84 13.56
CA GLY A 34 3.46 -8.03 14.98
C GLY A 34 2.19 -8.27 15.76
N ASP A 35 1.86 -9.55 15.92
CA ASP A 35 0.62 -9.99 16.56
C ASP A 35 -0.56 -9.72 15.65
N ASP A 36 -0.52 -8.56 15.03
CA ASP A 36 -1.59 -8.05 14.22
C ASP A 36 -1.15 -6.71 13.67
N ASP A 37 -2.06 -5.77 13.61
CA ASP A 37 -1.73 -4.39 13.35
C ASP A 37 -0.93 -3.82 14.54
N SER A 38 -1.20 -4.36 15.72
CA SER A 38 -0.71 -3.81 16.97
C SER A 38 0.81 -3.59 16.98
N ARG A 39 1.57 -4.65 16.74
CA ARG A 39 3.03 -4.55 16.88
C ARG A 39 3.71 -4.74 15.54
N SER A 40 3.02 -4.41 14.48
CA SER A 40 3.50 -4.73 13.16
C SER A 40 4.61 -3.76 12.73
N ILE A 41 5.50 -4.24 11.86
CA ILE A 41 6.65 -3.47 11.43
C ILE A 41 6.67 -3.33 9.91
N ALA A 42 5.96 -2.34 9.45
CA ALA A 42 5.80 -2.10 8.02
C ALA A 42 7.09 -1.58 7.38
N ILE A 43 7.83 -2.46 6.74
CA ILE A 43 9.11 -2.08 6.14
C ILE A 43 8.86 -1.60 4.72
N ILE A 44 8.67 -0.31 4.62
CA ILE A 44 8.36 0.26 3.33
C ILE A 44 9.56 0.90 2.69
N SER A 45 9.68 0.66 1.40
CA SER A 45 10.74 1.20 0.59
C SER A 45 10.29 2.48 -0.10
N LYS A 46 11.01 3.54 0.14
CA LYS A 46 10.73 4.82 -0.49
C LYS A 46 11.93 5.17 -1.35
N ASP A 47 11.82 4.87 -2.63
CA ASP A 47 12.99 4.84 -3.51
C ASP A 47 13.97 3.83 -2.95
N ASN A 48 13.41 2.89 -2.18
CA ASN A 48 14.18 1.81 -1.53
C ASN A 48 14.95 2.33 -0.32
N GLU A 49 14.32 3.24 0.43
CA GLU A 49 14.77 3.51 1.78
C GLU A 49 13.86 2.74 2.72
N GLN A 50 14.28 1.54 3.06
CA GLN A 50 13.46 0.65 3.84
C GLN A 50 13.25 1.13 5.27
N PHE A 51 12.04 1.63 5.50
CA PHE A 51 11.68 2.21 6.78
C PHE A 51 10.75 1.28 7.54
N SER A 52 11.03 1.08 8.83
CA SER A 52 10.21 0.25 9.68
C SER A 52 9.03 1.04 10.26
N ARG A 53 7.90 0.87 9.63
CA ARG A 53 6.64 1.45 10.04
C ARG A 53 5.93 0.48 10.99
N GLY A 54 4.64 0.65 11.17
CA GLY A 54 3.97 -0.02 12.26
C GLY A 54 2.67 0.63 12.67
N VAL A 55 1.61 0.10 12.07
CA VAL A 55 0.22 0.57 12.19
C VAL A 55 0.02 1.88 12.93
N ASN A 56 -0.56 2.83 12.21
CA ASN A 56 -0.80 4.17 12.72
C ASN A 56 0.46 5.01 12.58
N GLU A 57 1.09 4.78 11.44
CA GLU A 57 2.21 5.53 10.93
C GLU A 57 1.96 5.79 9.45
N GLU A 58 2.59 6.79 8.89
CA GLU A 58 2.41 7.11 7.47
C GLU A 58 3.63 6.68 6.66
N VAL A 59 3.35 6.19 5.46
CA VAL A 59 4.36 5.62 4.59
C VAL A 59 5.47 6.64 4.31
N PRO A 60 6.71 6.15 4.21
CA PRO A 60 7.88 7.01 4.03
C PRO A 60 7.79 7.89 2.78
N GLY A 61 7.77 9.21 3.00
CA GLY A 61 7.77 10.15 1.90
C GLY A 61 6.48 10.95 1.83
N TYR A 62 5.39 10.25 1.59
CA TYR A 62 4.07 10.87 1.49
C TYR A 62 3.26 10.52 2.73
N ASN A 63 2.38 11.41 3.20
CA ASN A 63 1.67 11.20 4.47
C ASN A 63 0.52 10.22 4.32
N ALA A 64 0.84 9.03 3.86
CA ALA A 64 -0.12 7.96 3.75
C ALA A 64 -0.13 7.12 5.03
N LYS A 65 -1.08 7.40 5.93
CA LYS A 65 -1.07 6.77 7.25
C LYS A 65 -1.63 5.37 7.19
N ILE A 66 -0.75 4.42 7.30
CA ILE A 66 -1.09 3.01 7.34
C ILE A 66 -2.07 2.74 8.48
N VAL A 67 -3.35 2.71 8.11
CA VAL A 67 -4.42 2.51 9.06
C VAL A 67 -4.66 1.02 9.20
N SER A 68 -3.90 0.26 8.42
CA SER A 68 -4.01 -1.17 8.38
C SER A 68 -2.80 -1.75 7.66
N ILE A 69 -2.03 -2.54 8.38
CA ILE A 69 -0.82 -3.16 7.88
C ILE A 69 -1.08 -4.56 7.32
N ARG A 70 -0.70 -4.76 6.07
CA ARG A 70 -0.65 -6.08 5.46
C ARG A 70 0.71 -6.28 4.82
N PRO A 71 1.19 -7.53 4.70
CA PRO A 71 2.49 -7.90 4.11
C PRO A 71 3.07 -6.85 3.15
N ASP A 72 2.45 -6.68 2.01
CA ASP A 72 2.81 -5.60 1.09
C ASP A 72 1.56 -4.96 0.55
N ARG A 73 0.61 -4.84 1.46
CA ARG A 73 -0.66 -4.21 1.19
C ARG A 73 -1.06 -3.42 2.42
N VAL A 74 -1.65 -2.30 2.20
CA VAL A 74 -2.01 -1.43 3.30
C VAL A 74 -3.38 -0.80 3.07
N VAL A 75 -3.90 -0.23 4.12
CA VAL A 75 -5.13 0.55 4.08
C VAL A 75 -4.82 1.85 4.77
N LEU A 76 -4.48 2.88 4.02
CA LEU A 76 -3.87 4.04 4.63
C LEU A 76 -4.64 5.34 4.41
N GLN A 77 -4.35 6.26 5.31
CA GLN A 77 -4.99 7.56 5.37
C GLN A 77 -4.19 8.56 4.57
N TYR A 78 -4.75 8.98 3.45
CA TYR A 78 -4.15 10.00 2.65
C TYR A 78 -5.26 10.75 1.93
N GLN A 79 -5.19 12.07 1.96
CA GLN A 79 -6.11 12.92 1.20
C GLN A 79 -7.48 12.94 1.87
N GLY A 80 -7.50 12.88 3.20
CA GLY A 80 -8.75 12.94 3.92
C GLY A 80 -9.53 11.65 3.86
N ARG A 81 -8.86 10.59 3.44
CA ARG A 81 -9.50 9.28 3.32
C ARG A 81 -8.53 8.21 3.71
N TYR A 82 -9.02 6.99 3.86
CA TYR A 82 -8.16 5.86 4.05
C TYR A 82 -8.66 4.74 3.17
N GLU A 83 -7.86 4.45 2.18
CA GLU A 83 -8.20 3.51 1.14
C GLU A 83 -7.19 2.37 1.15
N VAL A 84 -7.22 1.52 0.15
CA VAL A 84 -6.40 0.32 0.17
C VAL A 84 -5.20 0.49 -0.73
N LEU A 85 -4.07 0.66 -0.09
CA LEU A 85 -2.83 0.91 -0.76
C LEU A 85 -1.83 -0.20 -0.64
N GLY A 86 -1.54 -0.82 -1.75
CA GLY A 86 -0.43 -1.73 -1.80
C GLY A 86 0.67 -1.13 -2.63
N LEU A 87 1.02 0.13 -2.28
CA LEU A 87 2.09 0.88 -2.95
C LEU A 87 3.23 -0.06 -3.32
N TYR A 88 3.47 -0.27 -4.61
CA TYR A 88 4.43 -1.28 -5.03
C TYR A 88 5.34 -0.71 -6.10
N SER A 89 6.60 -1.10 -6.08
CA SER A 89 7.55 -0.64 -7.08
C SER A 89 8.65 -1.67 -7.27
N GLN A 90 8.61 -2.36 -8.40
CA GLN A 90 9.62 -3.37 -8.72
C GLN A 90 10.68 -2.77 -9.63
N GLU A 91 10.27 -2.44 -10.85
CA GLU A 91 11.15 -1.79 -11.80
C GLU A 91 10.51 -0.52 -12.33
N ASP A 92 11.21 0.18 -13.22
CA ASP A 92 10.72 1.46 -13.73
C ASP A 92 9.63 1.25 -14.79
N SER A 93 10.02 0.72 -15.94
CA SER A 93 9.10 0.56 -17.08
C SER A 93 8.36 1.87 -17.37
N GLY A 94 9.07 2.98 -17.29
CA GLY A 94 8.46 4.27 -17.55
C GLY A 94 8.30 4.53 -19.03
N SER A 95 9.38 4.32 -19.78
CA SER A 95 9.39 4.49 -21.23
C SER A 95 9.27 5.96 -21.63
N ASP A 96 8.11 6.54 -21.39
CA ASP A 96 7.84 7.93 -21.75
C ASP A 96 8.26 8.86 -20.62
N GLY A 97 8.47 8.27 -19.44
CA GLY A 97 8.76 9.06 -18.27
C GLY A 97 7.62 8.99 -17.28
N VAL A 98 6.45 8.64 -17.78
CA VAL A 98 5.28 8.44 -16.95
C VAL A 98 4.70 7.05 -17.17
N PRO A 99 4.27 6.39 -16.09
CA PRO A 99 3.66 5.05 -16.18
C PRO A 99 2.43 5.05 -17.06
N GLY A 100 2.43 4.18 -18.06
CA GLY A 100 1.33 4.11 -19.00
C GLY A 100 0.27 3.11 -18.59
N ALA A 101 0.01 3.05 -17.29
CA ALA A 101 -0.99 2.12 -16.76
C ALA A 101 -2.37 2.75 -16.77
N GLN A 102 -2.69 3.42 -17.87
CA GLN A 102 -3.99 4.05 -18.04
C GLN A 102 -4.77 3.30 -19.13
N VAL A 103 -5.57 2.33 -18.71
CA VAL A 103 -6.29 1.48 -19.66
C VAL A 103 -7.61 2.14 -20.11
N ARG A 104 -7.55 3.43 -20.35
CA ARG A 104 -8.72 4.18 -20.78
C ARG A 104 -8.67 4.39 -22.29
N GLY A 1 -34.23 -8.81 4.17
CA GLY A 1 -33.98 -7.72 3.19
C GLY A 1 -33.02 -6.69 3.73
N SER A 2 -33.56 -5.53 4.08
CA SER A 2 -32.75 -4.43 4.59
C SER A 2 -32.88 -4.33 6.11
N HIS A 3 -32.02 -5.06 6.82
CA HIS A 3 -32.05 -5.07 8.27
C HIS A 3 -30.78 -4.43 8.83
N MET A 4 -29.66 -4.67 8.17
CA MET A 4 -28.38 -4.13 8.61
C MET A 4 -28.04 -2.85 7.85
N LEU A 5 -28.73 -1.78 8.21
CA LEU A 5 -28.45 -0.46 7.65
C LEU A 5 -27.90 0.45 8.75
N GLU A 6 -27.57 -0.16 9.87
CA GLU A 6 -27.17 0.57 11.07
C GLU A 6 -25.66 0.83 11.08
N MET A 7 -25.00 0.51 9.98
CA MET A 7 -23.57 0.79 9.83
C MET A 7 -23.23 0.86 8.34
N ALA A 8 -23.04 -0.31 7.74
CA ALA A 8 -22.82 -0.44 6.29
C ALA A 8 -21.79 0.55 5.75
N GLY A 9 -20.51 0.30 6.03
CA GLY A 9 -19.48 1.16 5.50
C GLY A 9 -18.12 0.89 6.10
N ALA A 10 -17.60 -0.29 5.87
CA ALA A 10 -16.28 -0.67 6.38
C ALA A 10 -15.54 -1.54 5.38
N LEU A 11 -14.48 -0.97 4.79
CA LEU A 11 -13.63 -1.68 3.82
C LEU A 11 -14.46 -2.15 2.62
N ASP A 12 -15.48 -1.38 2.27
CA ASP A 12 -16.36 -1.71 1.14
C ASP A 12 -15.68 -1.41 -0.19
N ALA A 13 -14.42 -1.01 -0.14
CA ALA A 13 -13.66 -0.72 -1.35
C ALA A 13 -13.22 -2.01 -2.04
N SER A 14 -13.00 -3.05 -1.25
CA SER A 14 -12.50 -4.33 -1.79
C SER A 14 -13.56 -5.03 -2.64
N GLN A 15 -14.79 -4.54 -2.59
CA GLN A 15 -15.91 -5.19 -3.27
C GLN A 15 -15.71 -5.20 -4.78
N MET A 16 -15.67 -4.02 -5.40
CA MET A 16 -15.57 -3.95 -6.85
C MET A 16 -14.33 -3.17 -7.29
N SER A 17 -13.78 -2.38 -6.37
CA SER A 17 -12.61 -1.58 -6.66
C SER A 17 -11.35 -2.42 -6.58
N ASN A 18 -10.49 -2.31 -7.60
CA ASN A 18 -9.24 -3.05 -7.63
C ASN A 18 -8.06 -2.10 -7.60
N LEU A 19 -8.21 -0.95 -8.26
CA LEU A 19 -7.16 0.05 -8.30
C LEU A 19 -7.08 0.79 -6.96
N PRO A 20 -5.89 0.79 -6.34
CA PRO A 20 -5.66 1.45 -5.04
C PRO A 20 -6.15 2.90 -5.00
N PRO A 21 -7.25 3.15 -4.26
CA PRO A 21 -7.99 4.42 -4.28
C PRO A 21 -7.30 5.61 -3.59
N SER A 22 -6.54 5.36 -2.50
CA SER A 22 -5.84 6.44 -1.82
C SER A 22 -4.91 7.20 -2.79
N THR A 23 -3.82 6.57 -3.22
CA THR A 23 -2.88 7.25 -4.09
C THR A 23 -1.97 6.27 -4.85
N LEU A 24 -1.36 5.31 -4.14
CA LEU A 24 -0.43 4.34 -4.77
C LEU A 24 0.80 5.01 -5.40
N ASN A 25 2.00 4.67 -4.90
CA ASN A 25 3.25 5.24 -5.44
C ASN A 25 4.47 4.64 -4.76
N LEU A 26 4.59 4.90 -3.46
CA LEU A 26 5.72 4.44 -2.66
C LEU A 26 5.86 2.93 -2.77
N SER A 27 6.95 2.38 -2.29
CA SER A 27 7.18 0.97 -2.44
C SER A 27 7.17 0.25 -1.09
N LEU A 28 6.15 -0.57 -0.84
CA LEU A 28 6.13 -1.40 0.33
C LEU A 28 7.08 -2.54 0.08
N THR A 29 8.05 -2.71 0.95
CA THR A 29 9.05 -3.72 0.73
C THR A 29 8.53 -5.00 1.35
N GLY A 30 7.84 -4.84 2.46
CA GLY A 30 7.12 -5.92 3.06
C GLY A 30 6.85 -5.65 4.51
N VAL A 31 5.73 -6.11 5.00
CA VAL A 31 5.31 -5.81 6.33
C VAL A 31 5.52 -7.02 7.24
N MET A 32 6.14 -6.76 8.38
CA MET A 32 6.33 -7.78 9.39
C MET A 32 5.23 -7.64 10.43
N ALA A 33 4.12 -8.31 10.19
CA ALA A 33 2.96 -8.17 11.06
C ALA A 33 3.24 -8.78 12.42
N GLY A 34 3.03 -8.01 13.47
CA GLY A 34 3.45 -8.43 14.81
C GLY A 34 2.33 -8.34 15.79
N ASP A 35 1.84 -9.50 16.25
CA ASP A 35 0.68 -9.61 17.12
C ASP A 35 -0.52 -9.23 16.29
N ASP A 36 -0.51 -7.98 15.92
CA ASP A 36 -1.31 -7.48 14.84
C ASP A 36 -0.79 -6.09 14.51
N ASP A 37 -1.38 -5.09 15.16
CA ASP A 37 -0.92 -3.72 15.05
C ASP A 37 0.10 -3.39 16.14
N SER A 38 0.06 -4.17 17.20
CA SER A 38 0.84 -3.91 18.40
C SER A 38 2.33 -3.89 18.13
N ARG A 39 2.78 -4.78 17.26
CA ARG A 39 4.19 -4.98 17.01
C ARG A 39 4.46 -5.24 15.55
N SER A 40 3.65 -4.63 14.69
CA SER A 40 3.79 -4.84 13.27
C SER A 40 4.81 -3.89 12.69
N ILE A 41 5.66 -4.42 11.84
CA ILE A 41 6.77 -3.69 11.30
C ILE A 41 6.64 -3.55 9.79
N ALA A 42 5.97 -2.49 9.40
CA ALA A 42 5.76 -2.20 7.99
C ALA A 42 7.04 -1.71 7.35
N ILE A 43 7.75 -2.61 6.70
CA ILE A 43 9.02 -2.28 6.06
C ILE A 43 8.71 -1.68 4.70
N ILE A 44 8.66 -0.37 4.66
CA ILE A 44 8.38 0.32 3.42
C ILE A 44 9.64 0.96 2.88
N SER A 45 9.74 1.04 1.56
CA SER A 45 10.90 1.58 0.91
C SER A 45 10.51 2.83 0.10
N LYS A 46 11.28 3.89 0.26
CA LYS A 46 11.03 5.16 -0.44
C LYS A 46 12.09 5.35 -1.49
N ASP A 47 11.75 5.07 -2.74
CA ASP A 47 12.74 4.92 -3.79
C ASP A 47 13.78 3.92 -3.31
N ASN A 48 13.27 2.97 -2.55
CA ASN A 48 14.01 1.88 -1.93
C ASN A 48 14.73 2.34 -0.66
N GLU A 49 14.15 3.33 0.02
CA GLU A 49 14.59 3.75 1.35
C GLU A 49 13.72 3.08 2.41
N GLN A 50 14.18 1.94 2.89
CA GLN A 50 13.38 1.11 3.81
C GLN A 50 13.28 1.66 5.23
N PHE A 51 12.05 1.66 5.73
CA PHE A 51 11.76 2.09 7.09
C PHE A 51 10.74 1.16 7.73
N SER A 52 10.79 1.05 9.06
CA SER A 52 9.89 0.19 9.81
C SER A 52 8.68 0.97 10.34
N ARG A 53 7.54 0.74 9.71
CA ARG A 53 6.28 1.36 10.08
C ARG A 53 5.46 0.42 10.97
N GLY A 54 4.16 0.69 11.13
CA GLY A 54 3.42 0.06 12.20
C GLY A 54 1.99 0.57 12.38
N VAL A 55 1.06 -0.13 11.71
CA VAL A 55 -0.41 0.15 11.63
C VAL A 55 -0.87 1.45 12.30
N ASN A 56 -0.15 2.53 12.06
CA ASN A 56 -0.39 3.81 12.70
C ASN A 56 0.81 4.67 12.41
N GLU A 57 1.24 4.49 11.19
CA GLU A 57 2.48 5.03 10.70
C GLU A 57 2.28 5.43 9.25
N GLU A 58 2.75 6.58 8.85
CA GLU A 58 2.58 7.02 7.48
C GLU A 58 3.77 6.58 6.66
N VAL A 59 3.51 6.19 5.42
CA VAL A 59 4.53 5.69 4.55
C VAL A 59 5.60 6.76 4.32
N PRO A 60 6.84 6.34 4.05
CA PRO A 60 7.96 7.25 3.89
C PRO A 60 7.79 8.14 2.67
N GLY A 61 7.95 9.45 2.86
CA GLY A 61 7.83 10.38 1.76
C GLY A 61 6.44 10.96 1.61
N TYR A 62 5.45 10.11 1.84
CA TYR A 62 4.05 10.47 1.63
C TYR A 62 3.24 10.26 2.89
N ASN A 63 2.42 11.22 3.29
CA ASN A 63 1.63 11.08 4.52
C ASN A 63 0.44 10.17 4.31
N ALA A 64 0.73 8.98 3.80
CA ALA A 64 -0.25 7.92 3.70
C ALA A 64 -0.16 7.06 4.94
N LYS A 65 -1.05 7.29 5.90
CA LYS A 65 -0.93 6.65 7.21
C LYS A 65 -1.47 5.25 7.17
N ILE A 66 -0.61 4.31 7.51
CA ILE A 66 -0.95 2.91 7.51
C ILE A 66 -1.97 2.67 8.60
N VAL A 67 -3.24 2.69 8.22
CA VAL A 67 -4.32 2.52 9.16
C VAL A 67 -4.58 1.03 9.29
N SER A 68 -3.94 0.27 8.42
CA SER A 68 -4.09 -1.16 8.39
C SER A 68 -2.88 -1.76 7.69
N ILE A 69 -2.13 -2.55 8.44
CA ILE A 69 -0.94 -3.20 7.92
C ILE A 69 -1.29 -4.53 7.25
N ARG A 70 -0.73 -4.73 6.07
CA ARG A 70 -0.81 -6.00 5.35
C ARG A 70 0.55 -6.20 4.69
N PRO A 71 0.95 -7.47 4.42
CA PRO A 71 2.21 -7.84 3.77
C PRO A 71 2.85 -6.72 2.92
N ASP A 72 2.37 -6.48 1.71
CA ASP A 72 2.77 -5.28 0.98
C ASP A 72 1.54 -4.53 0.53
N ARG A 73 0.58 -4.52 1.42
CA ARG A 73 -0.66 -3.81 1.24
C ARG A 73 -1.01 -3.05 2.48
N VAL A 74 -1.51 -1.86 2.28
CA VAL A 74 -1.83 -1.01 3.40
C VAL A 74 -3.09 -0.19 3.16
N VAL A 75 -4.03 -0.34 4.07
CA VAL A 75 -5.17 0.54 4.10
C VAL A 75 -4.74 1.81 4.80
N LEU A 76 -4.47 2.86 4.02
CA LEU A 76 -3.82 4.02 4.58
C LEU A 76 -4.61 5.30 4.41
N GLN A 77 -4.26 6.22 5.27
CA GLN A 77 -4.90 7.50 5.39
C GLN A 77 -4.14 8.53 4.58
N TYR A 78 -4.69 8.85 3.44
CA TYR A 78 -4.19 9.95 2.64
C TYR A 78 -5.39 10.69 2.06
N GLN A 79 -5.35 12.01 2.13
CA GLN A 79 -6.35 12.87 1.50
C GLN A 79 -7.67 12.81 2.26
N GLY A 80 -7.58 12.63 3.58
CA GLY A 80 -8.78 12.51 4.39
C GLY A 80 -9.50 11.20 4.15
N ARG A 81 -8.81 10.26 3.54
CA ARG A 81 -9.38 8.97 3.22
C ARG A 81 -8.44 7.87 3.66
N TYR A 82 -8.96 6.68 3.87
CA TYR A 82 -8.15 5.53 4.12
C TYR A 82 -8.68 4.39 3.27
N GLU A 83 -7.93 4.10 2.26
CA GLU A 83 -8.31 3.11 1.27
C GLU A 83 -7.21 2.08 1.20
N VAL A 84 -7.26 1.19 0.25
CA VAL A 84 -6.33 0.08 0.24
C VAL A 84 -5.20 0.35 -0.74
N LEU A 85 -4.08 0.78 -0.20
CA LEU A 85 -2.92 1.10 -0.96
C LEU A 85 -1.83 0.07 -0.79
N GLY A 86 -1.59 -0.70 -1.82
CA GLY A 86 -0.47 -1.59 -1.79
C GLY A 86 0.70 -0.97 -2.51
N LEU A 87 1.06 0.25 -2.08
CA LEU A 87 2.21 0.98 -2.62
C LEU A 87 3.35 0.00 -2.90
N TYR A 88 3.74 -0.19 -4.15
CA TYR A 88 4.75 -1.18 -4.50
C TYR A 88 5.79 -0.57 -5.42
N SER A 89 6.96 -1.20 -5.50
CA SER A 89 8.04 -0.73 -6.38
C SER A 89 7.54 -0.57 -7.82
N GLN A 90 7.69 0.63 -8.36
CA GLN A 90 7.18 0.95 -9.68
C GLN A 90 8.32 1.20 -10.67
N GLU A 91 7.98 1.21 -11.96
CA GLU A 91 8.97 1.46 -13.00
C GLU A 91 8.37 2.30 -14.12
N ASP A 92 7.10 2.06 -14.42
CA ASP A 92 6.41 2.78 -15.49
C ASP A 92 6.24 4.25 -15.16
N SER A 93 6.16 4.53 -13.86
CA SER A 93 6.03 5.90 -13.35
C SER A 93 4.69 6.52 -13.77
N GLY A 94 3.73 5.66 -14.11
CA GLY A 94 2.44 6.13 -14.54
C GLY A 94 2.40 6.44 -16.02
N SER A 95 3.54 6.32 -16.69
CA SER A 95 3.63 6.63 -18.10
C SER A 95 3.36 5.38 -18.94
N ASP A 96 3.79 5.40 -20.20
CA ASP A 96 3.55 4.28 -21.11
C ASP A 96 4.40 3.06 -20.73
N GLY A 97 5.37 3.27 -19.84
CA GLY A 97 6.22 2.18 -19.41
C GLY A 97 7.64 2.32 -19.90
N VAL A 98 7.89 3.37 -20.68
CA VAL A 98 9.23 3.67 -21.14
C VAL A 98 9.89 4.66 -20.19
N PRO A 99 11.10 4.35 -19.71
CA PRO A 99 11.84 5.21 -18.79
C PRO A 99 12.12 6.58 -19.40
N GLY A 100 11.45 7.58 -18.87
CA GLY A 100 11.59 8.93 -19.36
C GLY A 100 10.41 9.81 -18.98
N ALA A 101 9.81 9.50 -17.84
CA ALA A 101 8.70 10.29 -17.35
C ALA A 101 9.21 11.47 -16.53
N GLN A 102 9.64 12.51 -17.22
CA GLN A 102 10.12 13.72 -16.56
C GLN A 102 8.93 14.59 -16.20
N VAL A 103 7.93 14.60 -17.07
CA VAL A 103 6.69 15.29 -16.82
C VAL A 103 5.54 14.28 -16.78
N ARG A 104 5.35 13.57 -17.88
CA ARG A 104 4.32 12.54 -17.98
C ARG A 104 4.62 11.64 -19.17
#